data_6JW7
#
_entry.id   6JW7
#
_cell.length_a   120.010
_cell.length_b   120.010
_cell.length_c   132.860
_cell.angle_alpha   90.00
_cell.angle_beta   90.00
_cell.angle_gamma   120.00
#
_symmetry.space_group_name_H-M   'P 31 2 1'
#
loop_
_entity.id
_entity.type
_entity.pdbx_description
1 polymer Dehydrogenase
2 non-polymer '1,4-DIHYDRONICOTINAMIDE ADENINE DINUCLEOTIDE'
3 non-polymer (2R,3S,4S,5R,6R)-2-(aminomethyl)-6-[(1R,2S,3S,4R,6S)-4,6-bis(azanyl)-3-[(2S,3R,4S,5S,6R)-6-(hydroxymethyl)-3,4,5-tris(oxidanyl)oxan-2-yl]oxy-2-oxidanyl-cyclohexyl]oxy-oxane-3,4,5-triol
4 water water
#
_entity_poly.entity_id   1
_entity_poly.type   'polypeptide(L)'
_entity_poly.pdbx_seq_one_letter_code
;MSAPVRVGVVGAGFMGGVHAEVVAAHPGARLEAVHDLDPAAARDLAERFRAERAEPSWADLLADPAIDLLIITTPNGLHH
RQAAEALRAGKHVLVEKPLGVTPEQVAELVELAGRHDRVLAHGSNFVHSPKFVRARQLVADTEAFGRPHLVRVVFRNSGP
EAAWAASKDLAGGGALLDLGCHAVELCRWLLDGADVESVSARLQRVRPPHDAEADRASGTAGTARVALEDQALLVMEFAD
GAVGQCDVSWVTQGGEQVTAEIIGTKGRVEVDLWTGMGLRAYSDKGYQDVWDPEQGWVHPEWEWIRASGYYHQDGTVIEA
VGQGIPLTHGPAEALASARVLATGYRSHAEGRVLRLSGAPVGPGASTTAAGSEKLAAALEHHHHHH
;
_entity_poly.pdbx_strand_id   A,B
#
# COMPACT_ATOMS: atom_id res chain seq x y z
N PRO A 4 -23.56 -5.41 10.62
CA PRO A 4 -23.22 -4.73 9.32
C PRO A 4 -23.56 -3.24 9.36
N VAL A 5 -22.53 -2.39 9.37
CA VAL A 5 -22.72 -0.97 9.72
C VAL A 5 -23.28 -0.16 8.54
N ARG A 6 -24.45 0.43 8.74
CA ARG A 6 -25.17 0.98 7.63
C ARG A 6 -24.81 2.47 7.57
N VAL A 7 -24.23 2.88 6.43
CA VAL A 7 -23.53 4.15 6.34
C VAL A 7 -24.24 5.14 5.43
N GLY A 8 -24.29 6.40 5.82
CA GLY A 8 -24.81 7.41 4.93
C GLY A 8 -23.70 8.39 4.61
N VAL A 9 -23.55 8.73 3.34
CA VAL A 9 -22.57 9.75 2.93
C VAL A 9 -23.31 11.05 2.64
N VAL A 10 -22.82 12.13 3.22
CA VAL A 10 -23.51 13.43 3.16
C VAL A 10 -22.59 14.40 2.43
N GLY A 11 -22.94 14.72 1.19
CA GLY A 11 -22.01 15.44 0.29
C GLY A 11 -21.36 14.52 -0.73
N ALA A 12 -21.95 14.45 -1.89
CA ALA A 12 -21.49 13.54 -2.88
C ALA A 12 -20.51 14.20 -3.83
N GLY A 13 -19.46 14.83 -3.30
CA GLY A 13 -18.40 15.35 -4.15
C GLY A 13 -17.15 14.48 -4.03
N PHE A 14 -16.02 15.13 -3.96
CA PHE A 14 -14.75 14.43 -4.14
C PHE A 14 -14.54 13.51 -2.95
N MET A 15 -14.50 14.05 -1.75
CA MET A 15 -14.35 13.20 -0.58
C MET A 15 -15.53 12.31 -0.31
N GLY A 16 -16.77 12.71 -0.59
CA GLY A 16 -17.86 11.71 -0.54
C GLY A 16 -17.58 10.47 -1.41
N GLY A 17 -17.00 10.70 -2.58
CA GLY A 17 -16.54 9.63 -3.45
C GLY A 17 -15.44 8.75 -2.91
N VAL A 18 -14.44 9.34 -2.30
CA VAL A 18 -13.36 8.57 -1.66
C VAL A 18 -13.93 7.72 -0.55
N HIS A 19 -14.70 8.32 0.33
CA HIS A 19 -15.34 7.53 1.39
C HIS A 19 -16.35 6.47 0.93
N ALA A 20 -17.17 6.81 -0.05
CA ALA A 20 -18.09 5.84 -0.64
C ALA A 20 -17.33 4.60 -1.14
N GLU A 21 -16.19 4.81 -1.79
CA GLU A 21 -15.35 3.70 -2.24
C GLU A 21 -14.88 2.84 -1.07
N VAL A 22 -14.31 3.42 -0.04
CA VAL A 22 -13.82 2.58 1.00
C VAL A 22 -14.94 1.91 1.76
N VAL A 23 -16.09 2.57 1.87
CA VAL A 23 -17.25 1.94 2.54
C VAL A 23 -17.75 0.73 1.75
N ALA A 24 -17.91 0.88 0.45
CA ALA A 24 -18.41 -0.20 -0.42
C ALA A 24 -17.55 -1.46 -0.40
N ALA A 25 -16.25 -1.26 -0.17
CA ALA A 25 -15.23 -2.32 -0.12
C ALA A 25 -15.15 -3.00 1.25
N HIS A 26 -15.61 -2.34 2.28
CA HIS A 26 -15.46 -2.88 3.64
C HIS A 26 -16.57 -3.89 3.90
N PRO A 27 -16.15 -5.12 4.29
CA PRO A 27 -17.03 -6.26 4.53
C PRO A 27 -17.96 -6.06 5.72
N GLY A 28 -17.47 -5.40 6.77
CA GLY A 28 -18.29 -4.99 7.91
C GLY A 28 -19.21 -3.79 7.76
N ALA A 29 -19.42 -3.29 6.52
CA ALA A 29 -20.34 -2.13 6.29
C ALA A 29 -21.10 -2.18 4.99
N ARG A 30 -22.11 -1.33 4.88
CA ARG A 30 -22.99 -1.27 3.75
C ARG A 30 -23.21 0.22 3.47
N LEU A 31 -22.99 0.59 2.22
CA LEU A 31 -23.25 1.91 1.73
C LEU A 31 -24.76 2.01 1.47
N GLU A 32 -25.46 2.64 2.42
CA GLU A 32 -26.92 2.59 2.45
C GLU A 32 -27.54 3.75 1.74
N ALA A 33 -26.95 4.93 1.92
CA ALA A 33 -27.51 6.15 1.34
C ALA A 33 -26.48 7.22 1.02
N VAL A 34 -26.81 8.00 0.02
CA VAL A 34 -26.00 9.15 -0.35
C VAL A 34 -26.97 10.31 -0.46
N HIS A 35 -26.62 11.43 0.19
CA HIS A 35 -27.43 12.64 0.19
C HIS A 35 -26.61 13.86 -0.21
N ASP A 36 -27.19 14.71 -1.06
CA ASP A 36 -26.52 15.96 -1.50
C ASP A 36 -27.63 16.98 -1.73
N LEU A 37 -27.31 18.24 -1.62
CA LEU A 37 -28.26 19.25 -1.99
C LEU A 37 -28.56 19.10 -3.49
N ASP A 38 -27.59 18.57 -4.25
CA ASP A 38 -27.70 18.37 -5.71
C ASP A 38 -28.13 16.94 -5.92
N PRO A 39 -29.43 16.70 -6.04
CA PRO A 39 -29.83 15.30 -5.96
C PRO A 39 -29.18 14.38 -7.04
N ALA A 40 -28.82 14.97 -8.19
CA ALA A 40 -28.19 14.25 -9.29
C ALA A 40 -26.76 13.82 -8.96
N ALA A 41 -26.04 14.66 -8.22
CA ALA A 41 -24.75 14.23 -7.70
C ALA A 41 -24.87 13.10 -6.68
N ALA A 42 -25.93 13.10 -5.87
CA ALA A 42 -26.14 11.98 -4.94
C ALA A 42 -26.44 10.66 -5.71
N ARG A 43 -27.35 10.73 -6.68
CA ARG A 43 -27.72 9.62 -7.55
C ARG A 43 -26.52 9.06 -8.29
N ASP A 44 -25.74 9.93 -8.92
CA ASP A 44 -24.57 9.42 -9.63
C ASP A 44 -23.62 8.63 -8.73
N LEU A 45 -23.43 9.06 -7.49
CA LEU A 45 -22.49 8.41 -6.60
C LEU A 45 -23.13 7.17 -6.04
N ALA A 46 -24.44 7.21 -5.75
CA ALA A 46 -25.13 6.03 -5.31
C ALA A 46 -25.00 4.91 -6.31
N GLU A 47 -25.06 5.25 -7.58
CA GLU A 47 -24.91 4.27 -8.68
C GLU A 47 -23.47 3.78 -8.84
N ARG A 48 -22.54 4.72 -8.93
CA ARG A 48 -21.14 4.35 -9.08
C ARG A 48 -20.66 3.36 -8.00
N PHE A 49 -21.20 3.44 -6.78
CA PHE A 49 -20.74 2.52 -5.72
C PHE A 49 -21.79 1.59 -5.13
N ARG A 50 -22.93 1.50 -5.82
CA ARG A 50 -24.02 0.57 -5.50
C ARG A 50 -24.57 0.75 -4.12
N ALA A 51 -24.91 1.98 -3.81
CA ALA A 51 -25.58 2.33 -2.57
C ALA A 51 -27.01 1.81 -2.60
N GLU A 52 -27.57 1.40 -1.46
CA GLU A 52 -28.99 1.03 -1.43
C GLU A 52 -29.85 2.13 -2.04
N ARG A 53 -29.58 3.42 -1.74
CA ARG A 53 -30.39 4.49 -2.33
C ARG A 53 -29.78 5.88 -2.34
N ALA A 54 -30.37 6.75 -3.15
CA ALA A 54 -30.16 8.20 -3.04
C ALA A 54 -31.26 8.75 -2.11
N GLU A 55 -30.84 9.45 -1.05
CA GLU A 55 -31.79 10.08 -0.11
C GLU A 55 -31.84 11.61 -0.24
N PRO A 56 -32.87 12.14 -0.90
CA PRO A 56 -32.85 13.57 -1.18
C PRO A 56 -33.17 14.44 0.00
N SER A 57 -33.68 13.87 1.08
CA SER A 57 -34.09 14.68 2.22
C SER A 57 -33.22 14.43 3.44
N TRP A 58 -32.59 15.50 3.87
CA TRP A 58 -31.79 15.51 5.08
C TRP A 58 -32.63 15.04 6.26
N ALA A 59 -33.79 15.65 6.44
CA ALA A 59 -34.65 15.27 7.57
C ALA A 59 -34.95 13.75 7.54
N ASP A 60 -35.37 13.26 6.39
CA ASP A 60 -35.67 11.85 6.28
C ASP A 60 -34.42 10.97 6.54
N LEU A 61 -33.28 11.38 5.99
CA LEU A 61 -32.04 10.69 6.28
C LEU A 61 -31.80 10.58 7.78
N LEU A 62 -32.04 11.64 8.52
CA LEU A 62 -31.75 11.61 9.99
C LEU A 62 -32.73 10.79 10.79
N ALA A 63 -33.97 10.71 10.34
CA ALA A 63 -35.01 9.93 11.05
C ALA A 63 -34.95 8.42 10.71
N ASP A 64 -34.30 8.10 9.61
CA ASP A 64 -34.22 6.71 9.17
C ASP A 64 -33.43 5.86 10.18
N PRO A 65 -34.09 4.90 10.88
CA PRO A 65 -33.43 4.10 11.92
C PRO A 65 -32.54 3.03 11.34
N ALA A 66 -32.62 2.85 10.02
CA ALA A 66 -31.70 1.97 9.31
C ALA A 66 -30.29 2.52 9.13
N ILE A 67 -30.01 3.79 9.45
CA ILE A 67 -28.65 4.35 9.27
C ILE A 67 -27.96 4.40 10.59
N ASP A 68 -26.76 3.85 10.67
CA ASP A 68 -25.97 3.88 11.90
C ASP A 68 -24.99 5.05 11.93
N LEU A 69 -24.39 5.38 10.77
CA LEU A 69 -23.24 6.27 10.73
C LEU A 69 -23.33 7.19 9.56
N LEU A 70 -23.17 8.48 9.81
CA LEU A 70 -23.07 9.40 8.68
C LEU A 70 -21.66 9.86 8.50
N ILE A 71 -21.25 10.00 7.24
CA ILE A 71 -19.93 10.55 6.92
C ILE A 71 -20.19 11.87 6.27
N ILE A 72 -19.65 12.95 6.85
CA ILE A 72 -19.99 14.27 6.38
C ILE A 72 -18.86 14.88 5.55
N THR A 73 -19.12 15.07 4.28
CA THR A 73 -18.12 15.48 3.35
C THR A 73 -18.65 16.68 2.67
N THR A 74 -19.17 17.61 3.44
CA THR A 74 -19.69 18.84 2.87
C THR A 74 -18.66 19.93 3.09
N PRO A 75 -18.98 21.19 2.69
CA PRO A 75 -18.04 22.29 2.89
C PRO A 75 -17.79 22.62 4.30
N ASN A 76 -16.57 23.05 4.61
CA ASN A 76 -16.17 23.13 6.02
C ASN A 76 -17.22 23.77 6.91
N GLY A 77 -17.82 24.86 6.46
CA GLY A 77 -18.67 25.69 7.32
C GLY A 77 -19.99 25.09 7.71
N LEU A 78 -20.32 23.96 7.10
CA LEU A 78 -21.52 23.17 7.38
C LEU A 78 -21.24 22.07 8.36
N HIS A 79 -19.99 21.79 8.62
CA HIS A 79 -19.68 20.60 9.41
C HIS A 79 -20.37 20.65 10.78
N HIS A 80 -20.26 21.78 11.46
CA HIS A 80 -20.77 21.94 12.83
C HIS A 80 -22.26 21.66 12.97
N ARG A 81 -23.07 22.40 12.23
CA ARG A 81 -24.52 22.23 12.23
C ARG A 81 -24.93 20.79 11.82
N GLN A 82 -24.34 20.27 10.75
CA GLN A 82 -24.72 18.94 10.25
C GLN A 82 -24.38 17.86 11.24
N ALA A 83 -23.21 17.95 11.85
CA ALA A 83 -22.79 16.93 12.78
C ALA A 83 -23.61 16.97 14.04
N ALA A 84 -23.96 18.17 14.49
CA ALA A 84 -24.77 18.33 15.69
C ALA A 84 -26.15 17.74 15.48
N GLU A 85 -26.76 18.08 14.35
CA GLU A 85 -28.10 17.59 14.05
C GLU A 85 -28.02 16.12 13.97
N ALA A 86 -26.96 15.62 13.37
CA ALA A 86 -26.86 14.17 13.23
C ALA A 86 -26.77 13.47 14.59
N LEU A 87 -25.91 13.98 15.46
CA LEU A 87 -25.71 13.37 16.77
C LEU A 87 -27.00 13.47 17.61
N ARG A 88 -27.70 14.59 17.48
CA ARG A 88 -28.95 14.75 18.22
C ARG A 88 -29.95 13.76 17.72
N ALA A 89 -29.95 13.47 16.43
CA ALA A 89 -30.86 12.45 15.87
C ALA A 89 -30.51 11.00 16.25
N GLY A 90 -29.49 10.78 17.06
CA GLY A 90 -29.02 9.38 17.31
C GLY A 90 -27.99 8.70 16.37
N LYS A 91 -27.37 9.44 15.43
CA LYS A 91 -26.42 8.83 14.47
C LYS A 91 -24.96 9.03 14.90
N HIS A 92 -24.14 8.02 14.67
CA HIS A 92 -22.68 8.15 14.74
C HIS A 92 -22.19 8.99 13.57
N VAL A 93 -21.05 9.64 13.74
CA VAL A 93 -20.60 10.61 12.76
C VAL A 93 -19.10 10.62 12.55
N LEU A 94 -18.70 10.52 11.27
CA LEU A 94 -17.35 10.85 10.84
C LEU A 94 -17.47 12.10 10.05
N VAL A 95 -16.76 13.12 10.50
CA VAL A 95 -16.73 14.43 9.87
C VAL A 95 -15.36 14.70 9.21
N GLU A 96 -15.35 15.06 7.93
CA GLU A 96 -14.11 15.45 7.30
C GLU A 96 -13.49 16.63 8.02
N LYS A 97 -12.17 16.75 7.96
CA LYS A 97 -11.50 17.89 8.59
C LYS A 97 -11.83 19.10 7.79
N PRO A 98 -11.96 20.24 8.42
CA PRO A 98 -11.87 20.45 9.84
C PRO A 98 -13.17 20.06 10.54
N LEU A 99 -13.07 19.38 11.67
CA LEU A 99 -14.26 18.94 12.38
C LEU A 99 -15.16 20.11 12.72
N GLY A 100 -14.56 21.21 13.13
CA GLY A 100 -15.26 22.47 13.28
C GLY A 100 -14.30 23.56 12.83
N VAL A 101 -14.82 24.76 12.70
CA VAL A 101 -14.05 25.91 12.22
C VAL A 101 -13.42 26.74 13.38
N THR A 102 -13.76 26.42 14.64
CA THR A 102 -13.19 27.06 15.81
C THR A 102 -13.12 26.04 16.95
N PRO A 103 -12.27 26.25 17.95
CA PRO A 103 -12.28 25.27 19.06
C PRO A 103 -13.65 25.11 19.77
N GLU A 104 -14.48 26.15 19.77
CA GLU A 104 -15.75 26.08 20.50
C GLU A 104 -16.71 25.24 19.69
N GLN A 105 -16.66 25.35 18.35
CA GLN A 105 -17.45 24.46 17.51
C GLN A 105 -17.11 22.98 17.78
N VAL A 106 -15.83 22.69 17.88
CA VAL A 106 -15.37 21.33 18.12
C VAL A 106 -15.78 20.84 19.50
N ALA A 107 -15.64 21.70 20.49
CA ALA A 107 -15.95 21.33 21.88
C ALA A 107 -17.42 21.03 22.04
N GLU A 108 -18.21 21.87 21.41
CA GLU A 108 -19.64 21.62 21.42
C GLU A 108 -19.96 20.24 20.82
N LEU A 109 -19.29 19.84 19.72
CA LEU A 109 -19.61 18.53 19.14
C LEU A 109 -19.18 17.38 20.04
N VAL A 110 -18.01 17.49 20.64
CA VAL A 110 -17.54 16.44 21.54
C VAL A 110 -18.52 16.26 22.71
N GLU A 111 -18.91 17.36 23.30
CA GLU A 111 -19.84 17.27 24.42
C GLU A 111 -21.17 16.64 23.96
N LEU A 112 -21.60 16.99 22.74
CA LEU A 112 -22.83 16.44 22.19
C LEU A 112 -22.72 14.98 22.00
N ALA A 113 -21.62 14.54 21.44
CA ALA A 113 -21.44 13.10 21.15
C ALA A 113 -21.46 12.25 22.43
N GLY A 114 -20.91 12.79 23.52
CA GLY A 114 -20.88 12.14 24.82
C GLY A 114 -22.27 12.04 25.41
N ARG A 115 -23.01 13.15 25.35
CA ARG A 115 -24.37 13.20 25.84
C ARG A 115 -25.21 12.14 25.15
N HIS A 116 -25.07 12.02 23.83
CA HIS A 116 -25.91 11.08 23.06
C HIS A 116 -25.29 9.74 22.87
N ASP A 117 -24.20 9.50 23.59
CA ASP A 117 -23.55 8.19 23.60
C ASP A 117 -23.28 7.71 22.16
N ARG A 118 -22.62 8.57 21.39
CA ARG A 118 -22.31 8.33 19.96
C ARG A 118 -20.82 8.48 19.63
N VAL A 119 -20.35 7.71 18.68
CA VAL A 119 -18.99 7.86 18.17
C VAL A 119 -18.95 9.07 17.28
N LEU A 120 -18.03 9.97 17.64
CA LEU A 120 -17.70 11.11 16.83
C LEU A 120 -16.23 10.97 16.39
N ALA A 121 -15.99 10.99 15.09
CA ALA A 121 -14.62 10.83 14.58
C ALA A 121 -14.38 11.87 13.60
N HIS A 122 -13.14 12.27 13.48
CA HIS A 122 -12.84 13.28 12.51
C HIS A 122 -11.87 12.76 11.48
N GLY A 123 -11.82 13.41 10.31
CA GLY A 123 -11.09 12.87 9.15
C GLY A 123 -9.60 13.19 9.07
N SER A 124 -8.86 12.90 10.14
CA SER A 124 -7.41 13.02 10.16
C SER A 124 -6.76 11.79 9.50
N ASN A 125 -6.82 11.65 8.18
CA ASN A 125 -6.49 10.35 7.59
C ASN A 125 -4.99 10.00 7.62
N PHE A 126 -4.14 11.02 7.53
CA PHE A 126 -2.71 10.77 7.49
C PHE A 126 -2.14 10.10 8.72
N VAL A 127 -2.82 10.30 9.84
CA VAL A 127 -2.48 9.70 11.09
C VAL A 127 -2.77 8.20 11.03
N HIS A 128 -3.44 7.73 9.98
CA HIS A 128 -3.72 6.30 9.80
C HIS A 128 -3.02 5.72 8.52
N SER A 129 -2.24 6.57 7.82
CA SER A 129 -1.41 6.18 6.69
C SER A 129 -0.37 5.21 7.08
N PRO A 130 -0.38 4.03 6.47
CA PRO A 130 0.59 3.01 6.86
C PRO A 130 2.03 3.49 6.86
N LYS A 131 2.40 4.34 5.92
CA LYS A 131 3.77 4.80 5.91
C LYS A 131 4.05 5.82 7.04
N PHE A 132 3.05 6.63 7.38
CA PHE A 132 3.17 7.52 8.56
C PHE A 132 3.18 6.75 9.88
N VAL A 133 2.35 5.71 9.98
CA VAL A 133 2.40 4.79 11.13
C VAL A 133 3.82 4.24 11.29
N ARG A 134 4.41 3.78 10.20
CA ARG A 134 5.78 3.25 10.30
C ARG A 134 6.73 4.31 10.80
N ALA A 135 6.64 5.49 10.21
CA ALA A 135 7.57 6.51 10.56
C ALA A 135 7.47 6.76 12.05
N ARG A 136 6.26 6.70 12.59
CA ARG A 136 6.12 6.95 14.01
C ARG A 136 6.74 5.91 14.90
N GLN A 137 6.68 4.65 14.48
CA GLN A 137 7.38 3.60 15.26
C GLN A 137 8.86 3.81 15.26
N LEU A 138 9.40 4.35 14.18
CA LEU A 138 10.83 4.51 14.09
C LEU A 138 11.25 5.60 15.02
N VAL A 139 10.48 6.68 15.08
CA VAL A 139 10.83 7.75 16.03
C VAL A 139 10.68 7.32 17.45
N ALA A 140 9.73 6.44 17.72
CA ALA A 140 9.49 5.96 19.07
C ALA A 140 10.50 4.89 19.46
N ASP A 141 11.32 4.45 18.52
CA ASP A 141 12.39 3.47 18.82
C ASP A 141 13.55 4.24 19.45
N THR A 142 13.44 4.43 20.75
CA THR A 142 14.38 5.28 21.45
C THR A 142 15.85 4.89 21.28
N GLU A 143 16.16 3.60 21.37
CA GLU A 143 17.49 3.07 21.11
C GLU A 143 18.14 3.69 19.84
N ALA A 144 17.40 3.66 18.72
CA ALA A 144 17.94 4.15 17.45
C ALA A 144 17.79 5.63 17.23
N PHE A 145 16.64 6.18 17.59
CA PHE A 145 16.31 7.58 17.27
C PHE A 145 16.76 8.59 18.34
N GLY A 146 16.79 8.15 19.60
CA GLY A 146 17.01 9.05 20.72
C GLY A 146 15.80 9.94 20.94
N ARG A 147 16.08 11.13 21.44
CA ARG A 147 15.04 12.01 21.82
C ARG A 147 14.69 12.93 20.68
N PRO A 148 13.42 12.93 20.28
CA PRO A 148 13.04 13.85 19.21
C PRO A 148 13.15 15.29 19.63
N HIS A 149 13.76 16.11 18.78
CA HIS A 149 13.83 17.54 19.00
C HIS A 149 13.29 18.41 17.84
N LEU A 150 13.00 17.84 16.70
CA LEU A 150 12.41 18.59 15.59
C LEU A 150 11.46 17.72 14.80
N VAL A 151 10.32 18.27 14.44
CA VAL A 151 9.42 17.62 13.53
C VAL A 151 8.90 18.70 12.62
N ARG A 152 8.84 18.42 11.32
CA ARG A 152 8.39 19.35 10.30
C ARG A 152 7.52 18.59 9.33
N VAL A 153 6.33 19.15 9.07
CA VAL A 153 5.39 18.56 8.17
C VAL A 153 5.03 19.57 7.14
N VAL A 154 5.08 19.18 5.85
CA VAL A 154 4.91 20.13 4.75
C VAL A 154 3.74 19.65 3.93
N PHE A 155 2.73 20.50 3.73
CA PHE A 155 1.61 20.23 2.83
C PHE A 155 1.49 21.34 1.84
N ARG A 156 1.60 21.05 0.56
CA ARG A 156 1.57 22.12 -0.42
C ARG A 156 0.91 21.63 -1.65
N ASN A 157 0.10 22.52 -2.24
CA ASN A 157 -0.48 22.22 -3.54
C ASN A 157 -0.83 23.52 -4.19
N SER A 158 -1.50 23.44 -5.31
CA SER A 158 -1.82 24.62 -6.10
C SER A 158 -3.21 25.16 -5.73
N GLY A 159 -3.76 24.67 -4.65
CA GLY A 159 -4.94 25.25 -4.09
C GLY A 159 -6.24 24.52 -4.39
N PRO A 160 -7.19 24.55 -3.49
CA PRO A 160 -8.50 23.88 -3.74
C PRO A 160 -9.28 24.53 -4.89
N GLU A 161 -9.94 23.73 -5.69
CA GLU A 161 -10.57 24.20 -6.91
C GLU A 161 -12.04 24.65 -6.66
N ALA A 162 -12.74 23.97 -5.75
CA ALA A 162 -14.15 24.29 -5.40
C ALA A 162 -14.37 25.74 -4.96
N ALA A 163 -15.47 26.35 -5.43
CA ALA A 163 -15.73 27.78 -5.16
C ALA A 163 -15.91 28.13 -3.68
N TRP A 164 -16.40 27.17 -2.93
CA TRP A 164 -16.72 27.39 -1.55
C TRP A 164 -15.46 27.55 -0.70
N ALA A 165 -14.36 27.00 -1.18
CA ALA A 165 -13.11 27.10 -0.43
C ALA A 165 -12.49 28.49 -0.53
N ALA A 166 -13.03 29.31 -1.42
CA ALA A 166 -12.58 30.69 -1.49
C ALA A 166 -13.35 31.65 -0.55
N SER A 167 -14.52 31.25 -0.03
CA SER A 167 -15.27 32.13 0.93
C SER A 167 -15.03 31.75 2.37
N LYS A 168 -14.83 32.77 3.17
CA LYS A 168 -14.64 32.55 4.57
C LYS A 168 -15.87 31.91 5.24
N ASP A 169 -17.10 32.21 4.79
CA ASP A 169 -18.28 31.65 5.50
C ASP A 169 -18.42 30.15 5.24
N LEU A 170 -18.16 29.74 3.99
CA LEU A 170 -18.24 28.32 3.63
C LEU A 170 -16.97 27.55 4.02
N ALA A 171 -15.81 28.20 4.05
CA ALA A 171 -14.56 27.46 4.36
C ALA A 171 -14.11 27.63 5.78
N GLY A 172 -14.49 28.74 6.41
CA GLY A 172 -14.02 29.05 7.77
C GLY A 172 -12.59 29.54 7.88
N GLY A 173 -11.81 29.45 6.80
CA GLY A 173 -10.43 29.91 6.83
C GLY A 173 -9.71 29.51 5.54
N GLY A 174 -8.46 29.95 5.40
CA GLY A 174 -7.68 29.66 4.26
C GLY A 174 -6.76 28.48 4.45
N ALA A 175 -5.54 28.58 3.92
CA ALA A 175 -4.66 27.45 3.94
C ALA A 175 -4.27 26.96 5.32
N LEU A 176 -4.18 27.85 6.30
CA LEU A 176 -3.78 27.36 7.62
C LEU A 176 -4.81 26.41 8.14
N LEU A 177 -6.08 26.70 7.93
CA LEU A 177 -7.15 25.83 8.40
C LEU A 177 -7.26 24.58 7.56
N ASP A 178 -7.19 24.75 6.26
CA ASP A 178 -7.39 23.64 5.35
C ASP A 178 -6.22 22.62 5.44
N LEU A 179 -4.97 23.08 5.28
CA LEU A 179 -3.82 22.18 5.29
C LEU A 179 -3.14 22.12 6.61
N GLY A 180 -3.12 23.23 7.37
CA GLY A 180 -2.46 23.24 8.68
C GLY A 180 -3.07 22.28 9.70
N CYS A 181 -4.37 22.09 9.61
CA CYS A 181 -5.03 21.20 10.55
C CYS A 181 -4.29 19.86 10.44
N HIS A 182 -4.07 19.38 9.24
CA HIS A 182 -3.42 18.10 9.06
C HIS A 182 -1.96 18.17 9.50
N ALA A 183 -1.26 19.24 9.17
CA ALA A 183 0.13 19.31 9.52
C ALA A 183 0.28 19.33 11.02
N VAL A 184 -0.56 20.13 11.70
CA VAL A 184 -0.52 20.15 13.17
C VAL A 184 -0.82 18.79 13.78
N GLU A 185 -1.77 18.06 13.26
CA GLU A 185 -2.11 16.77 13.86
C GLU A 185 -0.94 15.79 13.70
N LEU A 186 -0.26 15.84 12.56
CA LEU A 186 0.83 14.93 12.25
C LEU A 186 2.04 15.24 13.06
N CYS A 187 2.36 16.52 13.24
CA CYS A 187 3.39 16.86 14.21
C CYS A 187 3.04 16.34 15.60
N ARG A 188 1.86 16.65 16.11
CA ARG A 188 1.57 16.25 17.53
C ARG A 188 1.61 14.76 17.66
N TRP A 189 1.07 14.06 16.64
CA TRP A 189 0.92 12.61 16.68
C TRP A 189 2.23 11.85 16.42
N LEU A 190 3.08 12.41 15.55
CA LEU A 190 4.42 11.83 15.35
C LEU A 190 5.21 11.88 16.63
N LEU A 191 4.92 12.81 17.51
CA LEU A 191 5.61 12.85 18.81
C LEU A 191 4.74 12.33 19.93
N ASP A 192 3.89 11.35 19.64
CA ASP A 192 3.16 10.60 20.65
C ASP A 192 2.23 11.49 21.45
N GLY A 193 1.46 12.33 20.77
CA GLY A 193 0.52 13.25 21.45
C GLY A 193 1.13 14.37 22.29
N ALA A 194 2.25 14.92 21.85
CA ALA A 194 2.99 15.92 22.61
C ALA A 194 2.18 17.14 22.95
N ASP A 195 2.46 17.71 24.11
CA ASP A 195 1.74 18.88 24.57
C ASP A 195 2.38 20.15 24.08
N VAL A 196 1.54 20.96 23.43
CA VAL A 196 1.96 22.24 22.90
C VAL A 196 2.00 23.31 24.00
N GLU A 197 3.13 24.00 24.14
CA GLU A 197 3.31 25.09 25.11
C GLU A 197 3.19 26.46 24.50
N SER A 198 3.57 26.58 23.23
CA SER A 198 3.47 27.86 22.50
C SER A 198 3.27 27.67 21.01
N VAL A 199 2.74 28.69 20.38
CA VAL A 199 2.43 28.67 18.96
C VAL A 199 2.84 29.98 18.40
N SER A 200 3.39 29.95 17.21
CA SER A 200 3.83 31.16 16.51
C SER A 200 3.56 30.94 15.03
N ALA A 201 2.97 31.92 14.38
CA ALA A 201 2.66 31.74 13.00
C ALA A 201 2.69 33.01 12.24
N ARG A 202 2.93 32.88 10.92
CA ARG A 202 2.83 33.99 10.01
C ARG A 202 2.14 33.50 8.74
N LEU A 203 1.23 34.31 8.21
CA LEU A 203 0.45 34.00 7.04
C LEU A 203 0.79 34.93 5.91
N GLN A 204 0.54 34.47 4.69
CA GLN A 204 0.76 35.25 3.48
C GLN A 204 -0.46 35.22 2.60
N ARG A 205 -0.58 36.26 1.79
N ARG A 205 -0.54 36.25 1.79
CA ARG A 205 -1.59 36.27 0.73
CA ARG A 205 -1.54 36.33 0.77
C ARG A 205 -0.76 36.49 -0.50
C ARG A 205 -0.76 36.51 -0.50
N VAL A 206 -0.55 35.42 -1.22
CA VAL A 206 0.29 35.45 -2.40
C VAL A 206 -0.51 35.80 -3.64
N ARG A 207 -1.60 35.07 -3.89
CA ARG A 207 -2.44 35.36 -5.04
C ARG A 207 -3.04 36.78 -4.91
N PRO A 208 -3.30 37.46 -6.04
CA PRO A 208 -4.04 38.74 -5.91
C PRO A 208 -5.44 38.61 -5.24
N PRO A 209 -5.91 39.74 -4.61
CA PRO A 209 -7.26 39.98 -4.02
C PRO A 209 -8.44 39.28 -4.70
N ALA A 227 -9.79 38.71 2.31
CA ALA A 227 -9.01 37.70 1.51
C ALA A 227 -8.33 36.60 2.36
N LEU A 228 -8.65 35.34 2.07
CA LEU A 228 -8.10 34.25 2.85
C LEU A 228 -6.59 34.03 2.58
N GLU A 229 -5.82 33.68 3.62
CA GLU A 229 -4.41 33.28 3.50
C GLU A 229 -4.27 32.07 2.65
N ASP A 230 -3.28 32.15 1.76
CA ASP A 230 -3.01 31.06 0.82
C ASP A 230 -1.61 30.37 1.02
N GLN A 231 -0.92 30.80 2.04
CA GLN A 231 0.28 30.14 2.45
C GLN A 231 0.58 30.57 3.90
N ALA A 232 1.17 29.64 4.67
CA ALA A 232 1.45 29.89 6.09
C ALA A 232 2.58 29.04 6.60
N LEU A 233 3.20 29.54 7.64
CA LEU A 233 4.14 28.82 8.44
C LEU A 233 3.69 28.90 9.93
N LEU A 234 3.59 27.77 10.60
CA LEU A 234 3.20 27.73 12.00
C LEU A 234 4.17 26.84 12.74
N VAL A 235 4.61 27.30 13.89
CA VAL A 235 5.64 26.64 14.66
C VAL A 235 5.16 26.41 16.10
N MET A 236 5.29 25.20 16.60
CA MET A 236 4.95 24.85 17.94
C MET A 236 6.17 24.54 18.75
N GLU A 237 6.19 25.00 20.01
CA GLU A 237 7.13 24.52 21.01
C GLU A 237 6.41 23.53 21.92
N PHE A 238 7.04 22.37 22.15
CA PHE A 238 6.43 21.28 22.88
C PHE A 238 7.05 21.14 24.26
N ALA A 239 6.37 20.41 25.16
CA ALA A 239 6.75 20.37 26.61
C ALA A 239 8.20 19.95 26.82
N ASP A 240 8.55 18.84 26.15
CA ASP A 240 9.85 18.16 26.20
C ASP A 240 11.04 18.95 25.58
N GLY A 241 10.81 20.08 24.93
CA GLY A 241 11.86 20.83 24.28
C GLY A 241 11.75 20.82 22.75
N ALA A 242 10.98 19.92 22.17
CA ALA A 242 11.01 19.79 20.70
C ALA A 242 10.23 20.92 20.05
N VAL A 243 10.57 21.22 18.79
CA VAL A 243 9.90 22.25 18.01
C VAL A 243 9.30 21.66 16.72
N GLY A 244 8.04 22.01 16.44
CA GLY A 244 7.31 21.51 15.28
C GLY A 244 7.09 22.63 14.30
N GLN A 245 7.34 22.37 13.01
CA GLN A 245 7.01 23.32 11.95
C GLN A 245 5.94 22.73 11.09
N CYS A 246 4.99 23.55 10.69
CA CYS A 246 3.96 23.21 9.74
C CYS A 246 4.06 24.21 8.67
N ASP A 247 4.29 23.77 7.44
CA ASP A 247 4.56 24.69 6.32
C ASP A 247 3.58 24.32 5.28
N VAL A 248 2.63 25.21 5.03
CA VAL A 248 1.52 24.86 4.16
C VAL A 248 1.27 25.91 3.11
N SER A 249 0.74 25.47 1.97
CA SER A 249 0.65 26.31 0.79
C SER A 249 -0.42 25.90 -0.19
N TRP A 250 -1.10 26.91 -0.75
CA TRP A 250 -2.08 26.72 -1.83
C TRP A 250 -1.54 27.28 -3.12
N VAL A 251 -0.29 27.69 -3.09
CA VAL A 251 0.31 28.40 -4.20
C VAL A 251 1.67 27.71 -4.66
N THR A 252 1.74 26.40 -4.50
CA THR A 252 2.89 25.66 -4.94
C THR A 252 2.53 24.84 -6.16
N GLN A 253 3.10 25.17 -7.33
CA GLN A 253 2.80 24.43 -8.53
C GLN A 253 3.69 23.21 -8.58
N GLY A 254 3.38 22.25 -9.45
CA GLY A 254 4.33 21.17 -9.75
C GLY A 254 3.97 19.84 -9.14
N GLY A 255 2.79 19.76 -8.52
CA GLY A 255 2.35 18.56 -7.86
C GLY A 255 2.24 18.70 -6.36
N GLU A 256 1.20 18.17 -5.81
CA GLU A 256 0.98 18.15 -4.36
C GLU A 256 2.22 17.57 -3.65
N GLN A 257 2.59 18.18 -2.55
CA GLN A 257 3.60 17.63 -1.70
C GLN A 257 3.07 17.42 -0.25
N VAL A 258 3.28 16.23 0.29
CA VAL A 258 3.06 15.85 1.62
C VAL A 258 4.32 15.15 2.12
N THR A 259 5.14 15.84 2.88
CA THR A 259 6.37 15.21 3.43
C THR A 259 6.45 15.49 4.96
N ALA A 260 7.27 14.73 5.64
CA ALA A 260 7.56 14.98 7.05
C ALA A 260 9.00 14.66 7.30
N GLU A 261 9.61 15.30 8.26
CA GLU A 261 10.90 14.82 8.78
C GLU A 261 10.91 14.92 10.27
N ILE A 262 11.63 14.02 10.95
CA ILE A 262 11.76 14.06 12.34
C ILE A 262 13.23 13.88 12.62
N ILE A 263 13.78 14.64 13.54
CA ILE A 263 15.21 14.58 13.85
C ILE A 263 15.36 14.48 15.38
N GLY A 264 16.16 13.53 15.81
CA GLY A 264 16.35 13.27 17.24
C GLY A 264 17.80 13.49 17.64
N THR A 265 18.13 13.17 18.89
CA THR A 265 19.52 13.27 19.27
C THR A 265 20.37 12.27 18.53
N LYS A 266 19.83 11.08 18.25
CA LYS A 266 20.60 10.01 17.56
C LYS A 266 20.20 9.80 16.09
N GLY A 267 18.92 9.97 15.72
CA GLY A 267 18.49 9.64 14.39
C GLY A 267 17.72 10.69 13.61
N ARG A 268 17.31 10.26 12.41
CA ARG A 268 16.43 11.01 11.50
C ARG A 268 15.49 10.06 10.80
N VAL A 269 14.28 10.56 10.49
CA VAL A 269 13.30 9.83 9.74
C VAL A 269 12.65 10.83 8.78
N GLU A 270 12.49 10.41 7.52
CA GLU A 270 11.93 11.23 6.46
C GLU A 270 10.83 10.41 5.82
N VAL A 271 9.73 11.09 5.51
CA VAL A 271 8.56 10.49 4.96
C VAL A 271 8.20 11.29 3.77
N ASP A 272 7.88 10.63 2.67
CA ASP A 272 7.41 11.31 1.48
C ASP A 272 6.20 10.59 0.88
N LEU A 273 5.04 11.24 0.81
CA LEU A 273 3.89 10.56 0.31
C LEU A 273 3.81 10.49 -1.22
N TRP A 274 3.84 11.61 -1.91
CA TRP A 274 3.50 11.67 -3.35
C TRP A 274 4.64 11.49 -4.31
N THR A 275 5.88 11.67 -3.85
CA THR A 275 7.01 11.32 -4.68
C THR A 275 7.81 10.22 -4.02
N GLY A 276 7.15 9.44 -3.19
CA GLY A 276 7.75 8.25 -2.63
C GLY A 276 6.85 7.04 -2.87
N MET A 277 6.30 6.96 -4.06
CA MET A 277 5.59 5.79 -4.48
C MET A 277 6.44 4.79 -5.26
N GLY A 278 7.68 5.18 -5.63
CA GLY A 278 8.58 4.31 -6.48
C GLY A 278 8.08 4.10 -7.90
N LEU A 279 7.34 5.05 -8.44
CA LEU A 279 7.02 5.07 -9.84
C LEU A 279 7.44 6.39 -10.48
N ARG A 280 8.10 6.33 -11.64
CA ARG A 280 8.32 7.53 -12.46
C ARG A 280 7.99 7.21 -13.87
N ALA A 281 7.52 8.22 -14.56
CA ALA A 281 7.19 8.09 -15.92
C ALA A 281 7.41 9.38 -16.65
N TYR A 282 7.68 9.24 -17.93
CA TYR A 282 7.91 10.37 -18.81
C TYR A 282 7.07 10.23 -20.06
N SER A 283 6.47 11.34 -20.44
CA SER A 283 5.83 11.45 -21.75
C SER A 283 5.77 12.90 -22.14
N ASP A 284 5.68 13.15 -23.43
CA ASP A 284 5.43 14.48 -23.95
C ASP A 284 3.94 14.83 -23.74
N LYS A 285 3.08 13.99 -24.29
CA LYS A 285 1.63 14.18 -24.23
C LYS A 285 1.04 14.32 -22.79
N GLY A 286 1.32 13.36 -21.90
CA GLY A 286 0.55 13.14 -20.70
C GLY A 286 -0.02 11.73 -20.76
N TYR A 287 0.07 10.98 -19.65
CA TYR A 287 -0.56 9.68 -19.47
C TYR A 287 -2.03 9.81 -19.05
N GLN A 288 -2.89 8.94 -19.56
CA GLN A 288 -4.33 8.95 -19.30
C GLN A 288 -4.75 9.13 -17.85
N ASP A 289 -4.21 8.37 -16.92
CA ASP A 289 -4.76 8.51 -15.55
C ASP A 289 -3.85 9.28 -14.60
N VAL A 290 -3.19 10.33 -15.09
CA VAL A 290 -2.17 11.00 -14.32
C VAL A 290 -2.39 12.50 -14.19
N TRP A 291 -3.09 12.77 -13.11
CA TRP A 291 -3.11 13.98 -12.30
C TRP A 291 -2.46 15.22 -12.88
N ASP A 292 -1.40 15.67 -12.22
CA ASP A 292 -0.89 17.06 -12.36
C ASP A 292 0.43 17.16 -11.55
N PRO A 293 1.53 17.54 -12.22
CA PRO A 293 1.61 17.89 -13.65
C PRO A 293 1.10 16.77 -14.61
N GLU A 294 0.80 17.14 -15.84
CA GLU A 294 0.25 16.27 -16.88
C GLU A 294 1.38 15.64 -17.70
N GLN A 295 2.22 16.55 -18.22
CA GLN A 295 3.29 16.25 -19.16
C GLN A 295 4.68 16.27 -18.56
N GLY A 296 5.56 15.54 -19.22
CA GLY A 296 6.97 15.51 -18.88
C GLY A 296 7.23 14.51 -17.76
N TRP A 297 8.15 14.77 -16.85
CA TRP A 297 8.41 13.78 -15.83
C TRP A 297 7.36 13.86 -14.77
N VAL A 298 6.73 12.73 -14.50
CA VAL A 298 5.72 12.70 -13.43
C VAL A 298 5.99 11.56 -12.50
N HIS A 299 5.30 11.59 -11.37
CA HIS A 299 5.35 10.52 -10.35
C HIS A 299 4.01 9.89 -10.19
N PRO A 300 3.69 8.93 -11.04
CA PRO A 300 2.33 8.45 -10.89
C PRO A 300 2.14 7.70 -9.56
N GLU A 301 0.89 7.74 -9.15
CA GLU A 301 0.36 7.24 -7.91
C GLU A 301 -0.09 5.82 -8.07
N TRP A 302 0.16 4.98 -7.07
CA TRP A 302 -0.56 3.71 -6.98
C TRP A 302 -1.21 3.64 -5.60
N GLU A 303 -2.48 3.19 -5.55
CA GLU A 303 -3.27 3.03 -4.29
C GLU A 303 -3.17 4.27 -3.38
N TRP A 304 -3.40 5.45 -3.96
CA TRP A 304 -3.26 6.70 -3.23
C TRP A 304 -4.19 6.77 -2.02
N ILE A 305 -5.36 6.17 -2.17
CA ILE A 305 -6.36 6.20 -1.14
C ILE A 305 -5.85 5.46 0.11
N ARG A 306 -5.30 4.27 -0.09
CA ARG A 306 -4.77 3.50 1.02
C ARG A 306 -3.50 4.17 1.59
N ALA A 307 -2.59 4.53 0.70
CA ALA A 307 -1.35 5.16 1.14
C ALA A 307 -1.67 6.37 1.99
N SER A 308 -2.77 7.05 1.68
CA SER A 308 -3.12 8.28 2.44
C SER A 308 -3.84 8.05 3.79
N GLY A 309 -4.18 6.81 4.10
CA GLY A 309 -4.80 6.47 5.38
C GLY A 309 -6.33 6.35 5.36
N TYR A 310 -7.01 6.60 4.27
CA TYR A 310 -8.46 6.58 4.31
C TYR A 310 -9.04 5.19 4.60
N TYR A 311 -8.44 4.13 4.07
CA TYR A 311 -9.01 2.79 4.32
C TYR A 311 -8.88 2.50 5.81
N HIS A 312 -7.72 2.77 6.38
CA HIS A 312 -7.50 2.42 7.78
C HIS A 312 -8.33 3.27 8.75
N GLN A 313 -8.43 4.57 8.44
CA GLN A 313 -9.23 5.49 9.15
C GLN A 313 -10.67 5.01 9.22
N ASP A 314 -11.27 4.93 8.06
CA ASP A 314 -12.66 4.55 8.00
C ASP A 314 -12.91 3.18 8.63
N GLY A 315 -11.98 2.25 8.43
CA GLY A 315 -12.01 0.95 9.10
C GLY A 315 -12.08 1.08 10.60
N THR A 316 -11.24 1.94 11.16
CA THR A 316 -11.30 2.17 12.62
C THR A 316 -12.65 2.68 13.10
N VAL A 317 -13.22 3.56 12.31
CA VAL A 317 -14.53 4.15 12.61
C VAL A 317 -15.61 3.11 12.45
N ILE A 318 -15.53 2.29 11.40
CA ILE A 318 -16.51 1.21 11.23
C ILE A 318 -16.43 0.23 12.38
N GLU A 319 -15.24 -0.10 12.83
CA GLU A 319 -15.11 -0.94 14.01
C GLU A 319 -15.56 -0.28 15.30
N ALA A 320 -15.36 1.02 15.42
CA ALA A 320 -15.78 1.68 16.68
C ALA A 320 -17.30 1.64 16.78
N VAL A 321 -17.98 1.85 15.68
CA VAL A 321 -19.41 1.78 15.67
C VAL A 321 -19.95 0.35 15.77
N GLY A 322 -19.46 -0.51 14.88
CA GLY A 322 -19.87 -1.91 14.80
C GLY A 322 -19.71 -2.68 16.08
N GLN A 323 -18.58 -2.51 16.77
CA GLN A 323 -18.41 -3.12 18.12
C GLN A 323 -17.71 -2.29 19.19
N GLY A 324 -18.12 -1.04 19.40
CA GLY A 324 -17.59 -0.25 20.49
C GLY A 324 -16.12 -0.44 20.79
N ILE A 325 -15.29 -0.69 19.77
CA ILE A 325 -13.82 -0.56 19.92
C ILE A 325 -13.55 0.94 19.99
N PRO A 326 -12.89 1.44 21.06
CA PRO A 326 -12.73 2.88 21.11
C PRO A 326 -11.79 3.34 19.99
N LEU A 327 -11.95 4.57 19.53
CA LEU A 327 -11.05 5.10 18.54
C LEU A 327 -9.65 5.28 19.08
N THR A 328 -8.66 4.93 18.26
CA THR A 328 -7.27 5.11 18.61
C THR A 328 -6.92 6.61 18.55
N HIS A 329 -7.53 7.34 17.63
CA HIS A 329 -7.27 8.76 17.44
C HIS A 329 -8.60 9.49 17.55
N GLY A 330 -8.90 10.05 18.75
CA GLY A 330 -10.21 10.62 19.02
C GLY A 330 -10.41 12.06 18.65
N PRO A 331 -11.67 12.53 18.71
CA PRO A 331 -11.93 13.94 18.51
C PRO A 331 -11.28 14.94 19.50
N ALA A 332 -10.91 14.52 20.70
CA ALA A 332 -10.09 15.40 21.58
C ALA A 332 -8.85 15.88 20.77
N GLU A 333 -8.29 15.02 19.92
CA GLU A 333 -7.14 15.47 19.07
C GLU A 333 -7.53 16.58 18.10
N ALA A 334 -8.79 16.60 17.68
CA ALA A 334 -9.27 17.71 16.90
C ALA A 334 -9.44 18.99 17.71
N LEU A 335 -9.72 18.86 18.99
CA LEU A 335 -9.85 20.06 19.84
C LEU A 335 -8.46 20.66 20.02
N ALA A 336 -7.48 19.79 20.26
CA ALA A 336 -6.12 20.26 20.51
C ALA A 336 -5.60 20.98 19.23
N SER A 337 -5.90 20.42 18.06
CA SER A 337 -5.40 21.03 16.87
C SER A 337 -6.16 22.29 16.54
N ALA A 338 -7.46 22.31 16.83
CA ALA A 338 -8.24 23.54 16.65
C ALA A 338 -7.69 24.66 17.50
N ARG A 339 -7.31 24.35 18.73
CA ARG A 339 -6.78 25.37 19.65
C ARG A 339 -5.49 25.89 19.09
N VAL A 340 -4.67 24.99 18.57
CA VAL A 340 -3.39 25.39 18.00
C VAL A 340 -3.55 26.38 16.82
N LEU A 341 -4.49 26.09 15.93
CA LEU A 341 -4.70 26.90 14.76
C LEU A 341 -5.26 28.23 15.16
N ALA A 342 -6.35 28.23 15.94
CA ALA A 342 -6.88 29.46 16.45
C ALA A 342 -5.77 30.29 17.09
N THR A 343 -4.89 29.70 17.87
CA THR A 343 -3.79 30.46 18.43
C THR A 343 -2.78 30.91 17.36
N GLY A 344 -2.60 30.10 16.34
CA GLY A 344 -1.75 30.50 15.20
C GLY A 344 -2.29 31.74 14.52
N TYR A 345 -3.61 31.77 14.32
CA TYR A 345 -4.26 32.95 13.69
C TYR A 345 -4.06 34.20 14.51
N ARG A 346 -4.16 34.04 15.83
CA ARG A 346 -3.93 35.16 16.72
C ARG A 346 -2.46 35.57 16.76
N SER A 347 -1.58 34.58 16.79
CA SER A 347 -0.14 34.90 16.78
C SER A 347 0.26 35.75 15.53
N HIS A 348 -0.31 35.40 14.39
CA HIS A 348 -0.11 36.18 13.20
C HIS A 348 -0.62 37.60 13.40
N ALA A 349 -1.85 37.75 13.86
CA ALA A 349 -2.42 39.06 14.06
C ALA A 349 -1.58 39.92 14.98
N GLU A 350 -1.12 39.33 16.07
CA GLU A 350 -0.44 40.15 17.09
C GLU A 350 1.05 40.13 16.85
N GLY A 351 1.51 39.31 15.90
CA GLY A 351 2.95 39.19 15.61
C GLY A 351 3.77 38.77 16.78
N ARG A 352 3.27 37.85 17.59
CA ARG A 352 4.05 37.33 18.70
C ARG A 352 3.78 35.89 18.92
N VAL A 353 4.67 35.30 19.72
CA VAL A 353 4.50 33.96 20.20
C VAL A 353 3.53 33.90 21.39
N LEU A 354 2.51 33.05 21.28
CA LEU A 354 1.43 32.95 22.26
C LEU A 354 1.32 31.58 22.93
N ARG A 355 0.87 31.55 24.20
CA ARG A 355 0.43 30.28 24.84
C ARG A 355 -0.92 29.89 24.27
N LEU A 356 -1.32 28.62 24.38
CA LEU A 356 -2.68 28.22 23.93
C LEU A 356 -3.81 29.03 24.55
N SER A 357 -3.62 29.49 25.78
CA SER A 357 -4.57 30.39 26.39
C SER A 357 -4.77 31.70 25.60
N GLY A 358 -3.80 32.11 24.79
CA GLY A 358 -3.87 33.39 24.09
C GLY A 358 -2.91 34.41 24.68
N ALA A 359 -2.38 34.11 25.85
CA ALA A 359 -1.46 35.02 26.53
C ALA A 359 -0.18 35.03 25.73
N PRO A 360 0.52 36.17 25.68
CA PRO A 360 1.93 36.15 25.18
C PRO A 360 2.89 35.40 26.08
N VAL A 361 3.82 34.66 25.50
CA VAL A 361 4.90 34.06 26.27
C VAL A 361 5.86 35.12 26.88
N GLY A 362 6.34 36.11 26.09
CA GLY A 362 7.35 37.08 26.55
C GLY A 362 8.79 36.52 26.58
N PRO B 4 -16.38 -20.29 2.15
CA PRO B 4 -15.13 -20.00 2.96
C PRO B 4 -13.98 -21.05 2.65
N VAL B 5 -12.91 -20.60 2.00
CA VAL B 5 -11.92 -21.49 1.45
C VAL B 5 -10.88 -21.98 2.50
N ARG B 6 -10.79 -23.29 2.67
CA ARG B 6 -10.06 -23.78 3.81
C ARG B 6 -8.66 -24.13 3.31
N VAL B 7 -7.65 -23.54 3.94
CA VAL B 7 -6.31 -23.47 3.36
C VAL B 7 -5.27 -24.22 4.17
N GLY B 8 -4.39 -24.94 3.51
CA GLY B 8 -3.30 -25.56 4.26
C GLY B 8 -2.00 -25.00 3.74
N VAL B 9 -1.10 -24.66 4.65
CA VAL B 9 0.21 -24.20 4.29
C VAL B 9 1.22 -25.30 4.52
N VAL B 10 2.03 -25.54 3.50
CA VAL B 10 2.96 -26.65 3.53
C VAL B 10 4.38 -26.07 3.48
N GLY B 11 5.11 -26.18 4.57
CA GLY B 11 6.39 -25.48 4.70
C GLY B 11 6.24 -24.20 5.53
N ALA B 12 6.56 -24.29 6.81
CA ALA B 12 6.37 -23.19 7.72
C ALA B 12 7.66 -22.41 7.92
N GLY B 13 8.26 -21.99 6.84
CA GLY B 13 9.42 -21.12 6.92
C GLY B 13 8.98 -19.73 6.47
N PHE B 14 9.85 -19.10 5.68
CA PHE B 14 9.70 -17.68 5.46
C PHE B 14 8.44 -17.41 4.64
N MET B 15 8.34 -18.04 3.48
CA MET B 15 7.13 -17.85 2.67
C MET B 15 5.89 -18.53 3.20
N GLY B 16 5.99 -19.66 3.86
CA GLY B 16 4.79 -20.14 4.63
C GLY B 16 4.24 -19.11 5.62
N GLY B 17 5.14 -18.39 6.28
CA GLY B 17 4.78 -17.22 7.10
C GLY B 17 4.09 -16.05 6.42
N VAL B 18 4.58 -15.69 5.24
CA VAL B 18 3.98 -14.65 4.46
C VAL B 18 2.57 -15.07 4.02
N HIS B 19 2.45 -16.23 3.40
CA HIS B 19 1.15 -16.73 2.96
C HIS B 19 0.17 -16.99 4.12
N ALA B 20 0.67 -17.50 5.25
CA ALA B 20 -0.17 -17.65 6.43
C ALA B 20 -0.77 -16.31 6.87
N GLU B 21 0.03 -15.24 6.90
CA GLU B 21 -0.49 -13.90 7.25
C GLU B 21 -1.58 -13.48 6.26
N VAL B 22 -1.38 -13.64 4.93
CA VAL B 22 -2.42 -13.12 4.03
C VAL B 22 -3.63 -13.98 4.04
N VAL B 23 -3.45 -15.26 4.24
CA VAL B 23 -4.60 -16.13 4.42
C VAL B 23 -5.41 -15.79 5.69
N ALA B 24 -4.74 -15.62 6.81
CA ALA B 24 -5.46 -15.28 8.09
C ALA B 24 -6.28 -14.01 7.93
N ALA B 25 -5.76 -13.05 7.15
CA ALA B 25 -6.36 -11.70 6.95
C ALA B 25 -7.49 -11.68 5.92
N HIS B 26 -7.60 -12.73 5.12
CA HIS B 26 -8.61 -12.78 4.06
C HIS B 26 -9.94 -13.34 4.60
N PRO B 27 -11.02 -12.56 4.41
CA PRO B 27 -12.33 -12.86 4.94
C PRO B 27 -12.94 -14.07 4.26
N GLY B 28 -12.70 -14.21 2.97
CA GLY B 28 -13.16 -15.40 2.22
C GLY B 28 -12.36 -16.71 2.40
N ALA B 29 -11.47 -16.77 3.40
CA ALA B 29 -10.66 -17.98 3.69
C ALA B 29 -10.36 -18.19 5.18
N ARG B 30 -9.92 -19.40 5.49
CA ARG B 30 -9.57 -19.81 6.81
C ARG B 30 -8.26 -20.58 6.72
N LEU B 31 -7.33 -20.21 7.58
CA LEU B 31 -6.06 -20.91 7.76
C LEU B 31 -6.31 -22.11 8.63
N GLU B 32 -6.49 -23.24 7.96
CA GLU B 32 -6.94 -24.45 8.60
C GLU B 32 -5.79 -25.30 9.15
N ALA B 33 -4.67 -25.35 8.42
CA ALA B 33 -3.52 -26.17 8.86
C ALA B 33 -2.19 -25.70 8.41
N VAL B 34 -1.18 -26.05 9.17
CA VAL B 34 0.19 -25.79 8.80
C VAL B 34 0.97 -27.05 9.00
N HIS B 35 1.72 -27.44 8.00
CA HIS B 35 2.53 -28.65 8.04
C HIS B 35 3.98 -28.36 7.66
N ASP B 36 4.92 -28.97 8.36
CA ASP B 36 6.35 -28.88 8.08
C ASP B 36 7.02 -30.22 8.48
N LEU B 37 8.15 -30.51 7.87
CA LEU B 37 8.95 -31.66 8.29
C LEU B 37 9.39 -31.46 9.73
N ASP B 38 9.53 -30.19 10.13
CA ASP B 38 9.92 -29.79 11.49
C ASP B 38 8.64 -29.44 12.25
N PRO B 39 8.10 -30.39 12.98
CA PRO B 39 6.74 -30.14 13.50
C PRO B 39 6.63 -28.92 14.41
N ALA B 40 7.73 -28.54 15.06
CA ALA B 40 7.81 -27.33 15.90
C ALA B 40 7.72 -26.03 15.12
N ALA B 41 8.33 -25.98 13.95
CA ALA B 41 8.15 -24.82 13.11
C ALA B 41 6.70 -24.70 12.61
N ALA B 42 6.02 -25.83 12.40
CA ALA B 42 4.63 -25.77 11.97
C ALA B 42 3.78 -25.23 13.10
N ARG B 43 4.02 -25.72 14.30
CA ARG B 43 3.29 -25.25 15.48
C ARG B 43 3.51 -23.76 15.81
N ASP B 44 4.76 -23.28 15.73
CA ASP B 44 5.09 -21.85 15.86
C ASP B 44 4.20 -21.01 14.97
N LEU B 45 4.04 -21.45 13.73
CA LEU B 45 3.36 -20.63 12.75
C LEU B 45 1.86 -20.77 12.92
N ALA B 46 1.38 -21.96 13.23
CA ALA B 46 -0.03 -22.16 13.48
C ALA B 46 -0.52 -21.27 14.63
N GLU B 47 0.33 -21.11 15.64
CA GLU B 47 0.05 -20.24 16.77
C GLU B 47 0.09 -18.75 16.39
N ARG B 48 1.18 -18.35 15.74
CA ARG B 48 1.37 -16.99 15.27
C ARG B 48 0.14 -16.48 14.57
N PHE B 49 -0.48 -17.31 13.74
CA PHE B 49 -1.57 -16.85 12.86
C PHE B 49 -2.94 -17.52 13.08
N ARG B 50 -3.05 -18.20 14.23
CA ARG B 50 -4.30 -18.78 14.74
C ARG B 50 -4.92 -19.77 13.77
N ALA B 51 -4.07 -20.68 13.28
CA ALA B 51 -4.51 -21.74 12.42
C ALA B 51 -5.37 -22.72 13.20
N GLU B 52 -6.36 -23.34 12.58
CA GLU B 52 -7.12 -24.37 13.27
C GLU B 52 -6.17 -25.40 13.90
N ARG B 53 -5.13 -25.84 13.18
CA ARG B 53 -4.20 -26.84 13.76
C ARG B 53 -2.82 -26.94 13.09
N ALA B 54 -1.89 -27.54 13.80
CA ALA B 54 -0.62 -27.99 13.22
C ALA B 54 -0.83 -29.45 12.79
N GLU B 55 -0.54 -29.74 11.51
CA GLU B 55 -0.76 -31.10 11.00
C GLU B 55 0.60 -31.74 10.72
N PRO B 56 1.08 -32.60 11.62
CA PRO B 56 2.41 -33.14 11.44
C PRO B 56 2.53 -34.16 10.33
N SER B 57 1.40 -34.67 9.79
CA SER B 57 1.43 -35.74 8.81
C SER B 57 0.95 -35.33 7.46
N TRP B 58 1.87 -35.43 6.50
CA TRP B 58 1.59 -35.11 5.11
C TRP B 58 0.41 -35.96 4.62
N ALA B 59 0.50 -37.26 4.86
CA ALA B 59 -0.57 -38.16 4.42
C ALA B 59 -1.95 -37.69 4.98
N ASP B 60 -1.99 -37.40 6.27
CA ASP B 60 -3.23 -37.02 6.93
C ASP B 60 -3.71 -35.66 6.40
N LEU B 61 -2.79 -34.72 6.25
CA LEU B 61 -3.14 -33.45 5.57
C LEU B 61 -3.79 -33.65 4.19
N LEU B 62 -3.27 -34.59 3.39
CA LEU B 62 -3.81 -34.79 2.03
C LEU B 62 -5.16 -35.46 1.98
N ALA B 63 -5.41 -36.36 2.94
CA ALA B 63 -6.70 -37.10 3.06
C ALA B 63 -7.82 -36.27 3.72
N ASP B 64 -7.43 -35.24 4.45
CA ASP B 64 -8.40 -34.44 5.16
C ASP B 64 -9.36 -33.75 4.19
N PRO B 65 -10.66 -34.15 4.17
CA PRO B 65 -11.66 -33.56 3.24
C PRO B 65 -12.08 -32.14 3.63
N ALA B 66 -11.66 -31.67 4.79
CA ALA B 66 -11.80 -30.26 5.17
C ALA B 66 -10.84 -29.23 4.50
N ILE B 67 -9.83 -29.66 3.76
CA ILE B 67 -8.93 -28.70 3.13
C ILE B 67 -9.27 -28.53 1.64
N ASP B 68 -9.41 -27.30 1.17
CA ASP B 68 -9.73 -27.02 -0.24
C ASP B 68 -8.48 -26.72 -1.06
N LEU B 69 -7.50 -26.07 -0.42
CA LEU B 69 -6.38 -25.50 -1.13
C LEU B 69 -5.14 -25.67 -0.30
N LEU B 70 -4.08 -26.15 -0.92
CA LEU B 70 -2.78 -26.14 -0.26
C LEU B 70 -1.88 -25.09 -0.88
N ILE B 71 -1.07 -24.46 -0.04
CA ILE B 71 -0.06 -23.54 -0.49
C ILE B 71 1.28 -24.16 -0.17
N ILE B 72 2.13 -24.34 -1.20
CA ILE B 72 3.36 -25.10 -1.03
C ILE B 72 4.58 -24.22 -1.00
N THR B 73 5.21 -24.14 0.15
CA THR B 73 6.27 -23.20 0.36
C THR B 73 7.47 -24.00 0.84
N THR B 74 7.72 -25.15 0.20
CA THR B 74 8.86 -25.99 0.56
C THR B 74 9.98 -25.72 -0.39
N PRO B 75 11.14 -26.38 -0.19
CA PRO B 75 12.26 -26.20 -1.13
C PRO B 75 11.94 -26.56 -2.57
N ASN B 76 12.53 -25.83 -3.51
CA ASN B 76 12.11 -25.95 -4.90
C ASN B 76 11.99 -27.42 -5.43
N GLY B 77 12.91 -28.28 -5.05
CA GLY B 77 12.96 -29.64 -5.60
C GLY B 77 11.81 -30.56 -5.21
N LEU B 78 11.08 -30.17 -4.18
CA LEU B 78 9.95 -30.91 -3.67
C LEU B 78 8.66 -30.43 -4.31
N HIS B 79 8.70 -29.29 -4.99
CA HIS B 79 7.43 -28.71 -5.47
C HIS B 79 6.65 -29.68 -6.33
N HIS B 80 7.35 -30.33 -7.23
CA HIS B 80 6.70 -31.18 -8.19
C HIS B 80 5.93 -32.36 -7.57
N ARG B 81 6.62 -33.16 -6.79
CA ARG B 81 6.03 -34.29 -6.07
C ARG B 81 4.88 -33.87 -5.16
N GLN B 82 5.11 -32.80 -4.40
CA GLN B 82 4.10 -32.36 -3.39
C GLN B 82 2.85 -31.87 -4.07
N ALA B 83 3.04 -31.11 -5.14
CA ALA B 83 1.89 -30.55 -5.86
C ALA B 83 1.15 -31.65 -6.55
N ALA B 84 1.87 -32.62 -7.11
CA ALA B 84 1.19 -33.74 -7.81
C ALA B 84 0.35 -34.58 -6.82
N GLU B 85 0.95 -34.93 -5.69
CA GLU B 85 0.23 -35.68 -4.67
C GLU B 85 -0.95 -34.87 -4.21
N ALA B 86 -0.75 -33.56 -4.07
CA ALA B 86 -1.89 -32.76 -3.63
C ALA B 86 -3.07 -32.71 -4.60
N LEU B 87 -2.79 -32.48 -5.86
CA LEU B 87 -3.81 -32.48 -6.89
C LEU B 87 -4.47 -33.83 -7.02
N ARG B 88 -3.70 -34.91 -6.89
CA ARG B 88 -4.28 -36.24 -6.97
C ARG B 88 -5.22 -36.46 -5.77
N ALA B 89 -4.87 -35.91 -4.62
CA ALA B 89 -5.72 -36.01 -3.44
C ALA B 89 -6.95 -35.09 -3.51
N GLY B 90 -7.21 -34.41 -4.65
CA GLY B 90 -8.39 -33.54 -4.81
C GLY B 90 -8.26 -32.07 -4.34
N LYS B 91 -7.05 -31.61 -4.01
CA LYS B 91 -6.86 -30.30 -3.48
C LYS B 91 -6.43 -29.30 -4.58
N HIS B 92 -6.92 -28.08 -4.50
CA HIS B 92 -6.41 -26.99 -5.27
C HIS B 92 -5.05 -26.59 -4.73
N VAL B 93 -4.21 -25.98 -5.56
CA VAL B 93 -2.80 -25.79 -5.18
C VAL B 93 -2.16 -24.50 -5.67
N LEU B 94 -1.56 -23.77 -4.72
CA LEU B 94 -0.73 -22.62 -5.09
C LEU B 94 0.63 -23.03 -4.71
N VAL B 95 1.53 -23.03 -5.69
CA VAL B 95 2.91 -23.43 -5.48
C VAL B 95 3.86 -22.23 -5.59
N GLU B 96 4.69 -22.01 -4.58
CA GLU B 96 5.69 -20.98 -4.69
C GLU B 96 6.63 -21.19 -5.93
N LYS B 97 7.13 -20.09 -6.47
CA LYS B 97 8.02 -20.21 -7.58
C LYS B 97 9.35 -20.77 -7.10
N PRO B 98 9.96 -21.62 -7.92
CA PRO B 98 9.52 -22.07 -9.19
C PRO B 98 8.52 -23.19 -9.09
N LEU B 99 7.50 -23.14 -9.92
CA LEU B 99 6.46 -24.13 -9.88
C LEU B 99 7.02 -25.53 -10.08
N GLY B 100 7.98 -25.66 -10.98
CA GLY B 100 8.74 -26.89 -11.16
C GLY B 100 10.15 -26.47 -11.47
N VAL B 101 11.06 -27.43 -11.52
CA VAL B 101 12.47 -27.13 -11.78
C VAL B 101 12.83 -27.27 -13.28
N THR B 102 11.91 -27.79 -14.09
CA THR B 102 12.14 -27.92 -15.52
C THR B 102 10.82 -27.70 -16.26
N PRO B 103 10.87 -27.31 -17.53
CA PRO B 103 9.59 -27.14 -18.18
C PRO B 103 8.70 -28.38 -18.12
N GLU B 104 9.30 -29.56 -18.06
CA GLU B 104 8.52 -30.78 -18.18
C GLU B 104 7.85 -31.05 -16.84
N GLN B 105 8.53 -30.76 -15.74
CA GLN B 105 7.87 -30.79 -14.44
C GLN B 105 6.61 -29.85 -14.42
N VAL B 106 6.75 -28.65 -14.93
CA VAL B 106 5.64 -27.68 -14.93
C VAL B 106 4.51 -28.16 -15.80
N ALA B 107 4.84 -28.74 -16.96
CA ALA B 107 3.83 -29.16 -17.93
C ALA B 107 3.06 -30.34 -17.34
N GLU B 108 3.79 -31.22 -16.69
CA GLU B 108 3.16 -32.35 -16.01
C GLU B 108 2.13 -31.88 -14.97
N LEU B 109 2.46 -30.87 -14.16
CA LEU B 109 1.52 -30.41 -13.15
C LEU B 109 0.27 -29.76 -13.77
N VAL B 110 0.45 -28.99 -14.85
CA VAL B 110 -0.67 -28.32 -15.48
C VAL B 110 -1.59 -29.37 -15.99
N GLU B 111 -1.03 -30.34 -16.68
CA GLU B 111 -1.88 -31.39 -17.22
C GLU B 111 -2.60 -32.16 -16.10
N LEU B 112 -1.86 -32.40 -15.03
CA LEU B 112 -2.38 -33.14 -13.85
C LEU B 112 -3.51 -32.39 -13.15
N ALA B 113 -3.38 -31.09 -13.05
CA ALA B 113 -4.43 -30.21 -12.53
C ALA B 113 -5.66 -30.24 -13.40
N GLY B 114 -5.48 -30.34 -14.72
CA GLY B 114 -6.57 -30.45 -15.65
C GLY B 114 -7.35 -31.72 -15.39
N ARG B 115 -6.64 -32.83 -15.19
CA ARG B 115 -7.28 -34.13 -15.07
C ARG B 115 -8.16 -34.13 -13.86
N HIS B 116 -7.68 -33.56 -12.78
CA HIS B 116 -8.47 -33.60 -11.55
C HIS B 116 -9.33 -32.34 -11.37
N ASP B 117 -9.45 -31.53 -12.43
CA ASP B 117 -10.35 -30.37 -12.45
C ASP B 117 -10.10 -29.36 -11.33
N ARG B 118 -8.81 -29.08 -11.10
CA ARG B 118 -8.32 -28.30 -9.96
C ARG B 118 -7.64 -27.01 -10.43
N VAL B 119 -7.73 -25.98 -9.62
CA VAL B 119 -6.99 -24.79 -9.82
C VAL B 119 -5.57 -25.01 -9.35
N LEU B 120 -4.66 -24.68 -10.23
CA LEU B 120 -3.23 -24.72 -9.98
C LEU B 120 -2.73 -23.34 -10.27
N ALA B 121 -2.02 -22.78 -9.31
CA ALA B 121 -1.52 -21.42 -9.48
C ALA B 121 -0.12 -21.40 -9.03
N HIS B 122 0.66 -20.47 -9.53
CA HIS B 122 2.01 -20.37 -9.10
C HIS B 122 2.31 -19.00 -8.53
N GLY B 123 3.38 -18.92 -7.75
CA GLY B 123 3.61 -17.75 -6.94
C GLY B 123 4.33 -16.59 -7.57
N SER B 124 3.86 -16.16 -8.76
CA SER B 124 4.45 -15.02 -9.47
C SER B 124 3.86 -13.75 -8.85
N ASN B 125 4.28 -13.38 -7.64
CA ASN B 125 3.54 -12.33 -6.92
C ASN B 125 3.67 -10.93 -7.53
N PHE B 126 4.84 -10.64 -8.11
CA PHE B 126 5.11 -9.28 -8.59
C PHE B 126 4.18 -8.81 -9.69
N VAL B 127 3.69 -9.77 -10.40
CA VAL B 127 2.73 -9.56 -11.47
C VAL B 127 1.38 -9.13 -10.93
N HIS B 128 1.20 -9.24 -9.60
CA HIS B 128 -0.03 -8.78 -8.93
C HIS B 128 0.23 -7.56 -8.03
N SER B 129 1.48 -7.08 -7.98
CA SER B 129 1.89 -5.88 -7.20
C SER B 129 1.21 -4.67 -7.68
N PRO B 130 0.39 -4.06 -6.86
CA PRO B 130 -0.31 -2.87 -7.31
C PRO B 130 0.57 -1.88 -8.06
N LYS B 131 1.83 -1.70 -7.64
CA LYS B 131 2.69 -0.72 -8.32
C LYS B 131 3.16 -1.19 -9.69
N PHE B 132 3.37 -2.51 -9.82
CA PHE B 132 3.70 -3.09 -11.12
C PHE B 132 2.51 -3.09 -12.04
N VAL B 133 1.33 -3.39 -11.52
CA VAL B 133 0.07 -3.26 -12.33
C VAL B 133 -0.07 -1.84 -12.88
N ARG B 134 0.14 -0.84 -12.05
CA ARG B 134 0.12 0.52 -12.49
C ARG B 134 1.18 0.80 -13.60
N ALA B 135 2.40 0.30 -13.41
CA ALA B 135 3.44 0.53 -14.37
C ALA B 135 3.05 -0.07 -15.68
N ARG B 136 2.37 -1.21 -15.66
CA ARG B 136 1.94 -1.83 -16.91
C ARG B 136 0.88 -1.04 -17.63
N GLN B 137 -0.01 -0.39 -16.89
CA GLN B 137 -1.00 0.48 -17.58
C GLN B 137 -0.34 1.64 -18.26
N LEU B 138 0.74 2.14 -17.68
CA LEU B 138 1.35 3.31 -18.27
C LEU B 138 2.02 2.87 -19.54
N VAL B 139 2.68 1.71 -19.52
CA VAL B 139 3.32 1.25 -20.75
C VAL B 139 2.34 0.97 -21.85
N ALA B 140 1.14 0.54 -21.47
CA ALA B 140 0.09 0.19 -22.40
C ALA B 140 -0.65 1.42 -22.91
N ASP B 141 -0.36 2.58 -22.35
CA ASP B 141 -0.95 3.84 -22.77
C ASP B 141 -0.19 4.33 -24.04
N THR B 142 -0.63 3.85 -25.17
CA THR B 142 0.12 4.02 -26.36
C THR B 142 0.37 5.44 -26.76
N GLU B 143 -0.61 6.30 -26.66
CA GLU B 143 -0.40 7.67 -27.04
C GLU B 143 0.74 8.32 -26.24
N ALA B 144 0.88 8.01 -24.95
CA ALA B 144 1.96 8.59 -24.21
C ALA B 144 3.26 7.76 -24.34
N PHE B 145 3.16 6.44 -24.26
CA PHE B 145 4.39 5.60 -24.17
C PHE B 145 4.97 5.26 -25.57
N GLY B 146 4.12 5.21 -26.55
CA GLY B 146 4.48 4.68 -27.88
C GLY B 146 4.76 3.19 -27.73
N ARG B 147 5.56 2.71 -28.64
CA ARG B 147 5.77 1.28 -28.75
C ARG B 147 6.95 0.87 -27.87
N PRO B 148 6.71 -0.10 -27.02
CA PRO B 148 7.82 -0.51 -26.14
C PRO B 148 8.89 -1.22 -26.92
N HIS B 149 10.13 -0.89 -26.62
CA HIS B 149 11.28 -1.50 -27.26
C HIS B 149 12.31 -2.00 -26.30
N LEU B 150 12.23 -1.66 -25.02
CA LEU B 150 13.14 -2.20 -24.02
C LEU B 150 12.46 -2.40 -22.70
N VAL B 151 12.74 -3.51 -22.05
CA VAL B 151 12.29 -3.74 -20.70
C VAL B 151 13.45 -4.38 -19.98
N ARG B 152 13.75 -3.88 -18.78
CA ARG B 152 14.80 -4.44 -17.95
C ARG B 152 14.25 -4.60 -16.52
N VAL B 153 14.46 -5.78 -15.94
CA VAL B 153 14.04 -6.08 -14.60
C VAL B 153 15.26 -6.56 -13.83
N VAL B 154 15.50 -5.98 -12.67
CA VAL B 154 16.68 -6.23 -11.91
C VAL B 154 16.23 -6.77 -10.53
N PHE B 155 16.75 -7.92 -10.12
CA PHE B 155 16.53 -8.56 -8.80
C PHE B 155 17.89 -8.92 -8.22
N ARG B 156 18.25 -8.33 -7.13
CA ARG B 156 19.54 -8.58 -6.55
C ARG B 156 19.39 -8.62 -5.04
N ASN B 157 20.13 -9.50 -4.41
CA ASN B 157 20.22 -9.56 -2.96
C ASN B 157 21.52 -10.24 -2.58
N SER B 158 21.74 -10.41 -1.29
CA SER B 158 23.00 -10.95 -0.80
C SER B 158 22.90 -12.47 -0.70
N GLY B 159 21.83 -13.05 -1.25
CA GLY B 159 21.78 -14.49 -1.44
C GLY B 159 20.98 -15.24 -0.41
N PRO B 160 20.34 -16.34 -0.81
CA PRO B 160 19.51 -17.09 0.12
C PRO B 160 20.35 -17.78 1.19
N GLU B 161 19.85 -17.79 2.41
CA GLU B 161 20.64 -18.18 3.60
C GLU B 161 20.47 -19.69 3.83
N ALA B 162 19.27 -20.21 3.58
CA ALA B 162 18.98 -21.63 3.72
C ALA B 162 19.91 -22.54 2.90
N ALA B 163 20.37 -23.62 3.55
CA ALA B 163 21.33 -24.55 2.97
C ALA B 163 20.81 -25.25 1.72
N TRP B 164 19.51 -25.47 1.66
CA TRP B 164 18.95 -26.19 0.54
C TRP B 164 19.08 -25.40 -0.76
N ALA B 165 19.20 -24.10 -0.63
CA ALA B 165 19.26 -23.25 -1.82
C ALA B 165 20.67 -23.26 -2.41
N ALA B 166 21.63 -23.85 -1.68
CA ALA B 166 22.99 -24.05 -2.19
C ALA B 166 23.16 -25.38 -2.94
N SER B 167 22.21 -26.32 -2.77
CA SER B 167 22.27 -27.64 -3.44
C SER B 167 21.42 -27.76 -4.69
N LYS B 168 22.02 -28.29 -5.76
CA LYS B 168 21.27 -28.45 -6.99
C LYS B 168 20.09 -29.38 -6.86
N ASP B 169 20.19 -30.38 -6.01
CA ASP B 169 19.14 -31.40 -5.94
C ASP B 169 17.91 -30.83 -5.27
N LEU B 170 18.13 -30.02 -4.24
CA LEU B 170 17.04 -29.38 -3.53
C LEU B 170 16.55 -28.10 -4.19
N ALA B 171 17.44 -27.37 -4.87
CA ALA B 171 17.06 -26.05 -5.41
C ALA B 171 16.77 -26.10 -6.86
N GLY B 172 17.35 -27.06 -7.56
CA GLY B 172 17.10 -27.18 -8.99
C GLY B 172 17.89 -26.21 -9.86
N GLY B 173 18.50 -25.22 -9.24
CA GLY B 173 19.31 -24.26 -9.98
C GLY B 173 19.74 -23.14 -9.05
N GLY B 174 20.58 -22.24 -9.57
CA GLY B 174 21.09 -21.10 -8.80
C GLY B 174 20.27 -19.87 -9.03
N ALA B 175 20.93 -18.72 -9.04
CA ALA B 175 20.24 -17.47 -9.12
C ALA B 175 19.38 -17.29 -10.38
N LEU B 176 19.73 -17.91 -11.50
CA LEU B 176 18.90 -17.74 -12.66
C LEU B 176 17.54 -18.33 -12.43
N LEU B 177 17.47 -19.49 -11.84
CA LEU B 177 16.19 -20.14 -11.55
C LEU B 177 15.45 -19.47 -10.42
N ASP B 178 16.16 -19.09 -9.39
CA ASP B 178 15.58 -18.48 -8.23
C ASP B 178 15.01 -17.10 -8.54
N LEU B 179 15.84 -16.18 -9.04
CA LEU B 179 15.47 -14.79 -9.25
C LEU B 179 15.07 -14.51 -10.67
N GLY B 180 15.70 -15.15 -11.63
CA GLY B 180 15.34 -14.99 -13.02
C GLY B 180 13.91 -15.36 -13.36
N CYS B 181 13.35 -16.33 -12.67
CA CYS B 181 12.00 -16.78 -12.98
C CYS B 181 11.08 -15.55 -12.79
N HIS B 182 11.32 -14.79 -11.74
CA HIS B 182 10.53 -13.60 -11.54
C HIS B 182 10.81 -12.55 -12.56
N ALA B 183 12.08 -12.30 -12.84
CA ALA B 183 12.43 -11.25 -13.77
C ALA B 183 11.89 -11.54 -15.15
N VAL B 184 12.05 -12.78 -15.62
CA VAL B 184 11.43 -13.18 -16.92
C VAL B 184 9.90 -12.98 -16.93
N GLU B 185 9.20 -13.30 -15.85
CA GLU B 185 7.75 -13.23 -15.91
C GLU B 185 7.31 -11.78 -15.97
N LEU B 186 8.04 -10.94 -15.26
CA LEU B 186 7.75 -9.50 -15.25
C LEU B 186 8.05 -8.89 -16.61
N CYS B 187 9.17 -9.24 -17.26
CA CYS B 187 9.40 -8.72 -18.62
C CYS B 187 8.30 -9.14 -19.50
N ARG B 188 7.92 -10.43 -19.51
CA ARG B 188 6.90 -10.84 -20.49
C ARG B 188 5.59 -10.15 -20.21
N TRP B 189 5.26 -10.01 -18.94
CA TRP B 189 3.96 -9.54 -18.53
C TRP B 189 3.86 -8.02 -18.67
N LEU B 190 4.96 -7.33 -18.42
CA LEU B 190 4.97 -5.88 -18.65
C LEU B 190 4.72 -5.59 -20.13
N LEU B 191 5.02 -6.51 -21.01
CA LEU B 191 4.78 -6.27 -22.42
C LEU B 191 3.60 -7.08 -22.88
N ASP B 192 2.62 -7.27 -22.00
CA ASP B 192 1.34 -7.86 -22.38
C ASP B 192 1.46 -9.24 -22.91
N GLY B 193 2.21 -10.09 -22.24
CA GLY B 193 2.38 -11.49 -22.68
C GLY B 193 3.17 -11.68 -23.99
N ALA B 194 4.17 -10.85 -24.19
CA ALA B 194 4.98 -10.90 -25.42
C ALA B 194 5.64 -12.29 -25.70
N ASP B 195 5.69 -12.65 -26.97
CA ASP B 195 6.26 -13.90 -27.41
C ASP B 195 7.76 -13.74 -27.53
N VAL B 196 8.46 -14.64 -26.85
CA VAL B 196 9.92 -14.70 -26.87
C VAL B 196 10.35 -15.43 -28.14
N GLU B 197 11.22 -14.77 -28.93
CA GLU B 197 11.79 -15.33 -30.18
C GLU B 197 13.18 -15.92 -29.93
N SER B 198 13.97 -15.29 -29.08
CA SER B 198 15.29 -15.80 -28.73
C SER B 198 15.70 -15.51 -27.27
N VAL B 199 16.66 -16.29 -26.79
CA VAL B 199 17.18 -16.15 -25.45
C VAL B 199 18.66 -16.25 -25.48
N SER B 200 19.32 -15.46 -24.66
CA SER B 200 20.78 -15.43 -24.59
C SER B 200 21.13 -15.16 -23.14
N ALA B 201 22.07 -15.91 -22.61
CA ALA B 201 22.40 -15.70 -21.20
C ALA B 201 23.83 -16.03 -20.91
N ARG B 202 24.40 -15.36 -19.92
CA ARG B 202 25.68 -15.74 -19.34
C ARG B 202 25.54 -15.74 -17.80
N LEU B 203 26.16 -16.73 -17.19
CA LEU B 203 26.14 -16.94 -15.76
C LEU B 203 27.54 -16.75 -15.19
N GLN B 204 27.59 -16.40 -13.90
CA GLN B 204 28.81 -16.24 -13.17
C GLN B 204 28.73 -17.03 -11.87
N ARG B 205 29.92 -17.35 -11.38
N ARG B 205 29.91 -17.40 -11.38
CA ARG B 205 30.12 -17.94 -10.09
CA ARG B 205 30.07 -17.94 -10.03
C ARG B 205 31.05 -16.98 -9.39
C ARG B 205 31.03 -16.97 -9.39
N VAL B 206 30.49 -16.12 -8.55
CA VAL B 206 31.28 -15.11 -7.88
C VAL B 206 31.83 -15.60 -6.56
N ARG B 207 31.00 -16.17 -5.68
CA ARG B 207 31.49 -16.64 -4.37
C ARG B 207 32.20 -18.02 -4.45
N PRO B 208 33.18 -18.25 -3.57
CA PRO B 208 34.03 -19.43 -3.82
C PRO B 208 33.30 -20.81 -3.93
N PRO B 209 33.90 -21.79 -4.68
CA PRO B 209 33.54 -23.23 -4.79
C PRO B 209 33.00 -23.89 -3.52
N ALA B 227 28.99 -26.29 -8.45
CA ALA B 227 28.63 -24.98 -7.84
C ALA B 227 27.59 -24.20 -8.63
N LEU B 228 26.50 -23.82 -7.96
CA LEU B 228 25.39 -23.09 -8.62
C LEU B 228 25.77 -21.68 -8.96
N GLU B 229 25.27 -21.17 -10.08
CA GLU B 229 25.45 -19.74 -10.44
C GLU B 229 24.84 -18.80 -9.38
N ASP B 230 25.66 -17.78 -9.06
CA ASP B 230 25.54 -16.71 -8.13
C ASP B 230 24.92 -15.40 -8.73
N GLN B 231 25.02 -15.30 -10.05
CA GLN B 231 24.73 -14.08 -10.72
C GLN B 231 24.58 -14.41 -12.20
N ALA B 232 23.64 -13.76 -12.85
CA ALA B 232 23.32 -14.02 -14.23
C ALA B 232 22.71 -12.81 -14.93
N LEU B 233 22.83 -12.84 -16.28
CA LEU B 233 22.22 -11.89 -17.16
C LEU B 233 21.57 -12.68 -18.26
N LEU B 234 20.28 -12.44 -18.49
CA LEU B 234 19.53 -13.16 -19.47
C LEU B 234 18.80 -12.13 -20.28
N VAL B 235 18.80 -12.29 -21.61
CA VAL B 235 18.27 -11.33 -22.52
C VAL B 235 17.34 -12.01 -23.49
N MET B 236 16.13 -11.49 -23.60
CA MET B 236 15.15 -12.01 -24.55
C MET B 236 14.98 -11.05 -25.69
N GLU B 237 14.85 -11.59 -26.89
CA GLU B 237 14.27 -10.85 -27.99
C GLU B 237 12.82 -11.24 -28.16
N PHE B 238 11.97 -10.25 -28.36
CA PHE B 238 10.52 -10.47 -28.50
C PHE B 238 10.05 -10.26 -29.92
N ALA B 239 8.85 -10.76 -30.23
CA ALA B 239 8.35 -10.77 -31.61
C ALA B 239 8.38 -9.38 -32.27
N ASP B 240 7.86 -8.41 -31.52
CA ASP B 240 7.67 -7.01 -31.96
C ASP B 240 8.95 -6.23 -32.17
N GLY B 241 10.11 -6.78 -31.85
CA GLY B 241 11.34 -5.99 -31.85
C GLY B 241 11.89 -5.62 -30.47
N ALA B 242 11.13 -5.78 -29.39
CA ALA B 242 11.62 -5.30 -28.12
C ALA B 242 12.60 -6.28 -27.53
N VAL B 243 13.51 -5.78 -26.70
CA VAL B 243 14.48 -6.59 -26.02
C VAL B 243 14.30 -6.53 -24.50
N GLY B 244 14.32 -7.67 -23.82
CA GLY B 244 14.16 -7.73 -22.37
C GLY B 244 15.47 -8.17 -21.73
N GLN B 245 15.91 -7.48 -20.71
CA GLN B 245 17.03 -7.89 -19.89
C GLN B 245 16.56 -8.31 -18.48
N CYS B 246 17.15 -9.39 -17.96
CA CYS B 246 16.90 -9.87 -16.61
C CYS B 246 18.24 -9.96 -15.96
N ASP B 247 18.44 -9.18 -14.91
CA ASP B 247 19.76 -9.04 -14.32
C ASP B 247 19.59 -9.42 -12.89
N VAL B 248 20.17 -10.56 -12.52
CA VAL B 248 19.91 -11.13 -11.19
C VAL B 248 21.15 -11.51 -10.49
N SER B 249 21.09 -11.45 -9.15
CA SER B 249 22.30 -11.58 -8.36
C SER B 249 22.01 -12.00 -6.91
N TRP B 250 22.89 -12.86 -6.41
CA TRP B 250 22.87 -13.33 -5.04
C TRP B 250 24.03 -12.70 -4.29
N VAL B 251 24.77 -11.85 -4.97
CA VAL B 251 26.03 -11.42 -4.44
C VAL B 251 26.11 -9.87 -4.37
N THR B 252 24.96 -9.25 -4.16
CA THR B 252 24.87 -7.82 -4.12
C THR B 252 24.58 -7.43 -2.68
N GLN B 253 25.56 -6.80 -2.02
CA GLN B 253 25.36 -6.30 -0.67
C GLN B 253 24.59 -4.98 -0.72
N GLY B 254 24.01 -4.61 0.41
CA GLY B 254 23.52 -3.24 0.60
C GLY B 254 22.01 -3.14 0.59
N GLY B 255 21.30 -4.27 0.58
CA GLY B 255 19.86 -4.32 0.53
C GLY B 255 19.30 -4.88 -0.74
N GLU B 256 18.27 -5.71 -0.61
CA GLU B 256 17.57 -6.26 -1.77
C GLU B 256 17.16 -5.16 -2.75
N GLN B 257 17.28 -5.44 -4.02
CA GLN B 257 16.83 -4.56 -5.04
C GLN B 257 15.89 -5.26 -6.02
N VAL B 258 14.71 -4.66 -6.24
CA VAL B 258 13.73 -5.07 -7.22
C VAL B 258 13.30 -3.84 -8.00
N THR B 259 13.79 -3.69 -9.22
CA THR B 259 13.43 -2.54 -10.02
C THR B 259 13.09 -3.00 -11.40
N ALA B 260 12.40 -2.15 -12.13
CA ALA B 260 12.16 -2.42 -13.55
C ALA B 260 12.22 -1.08 -14.30
N GLU B 261 12.49 -1.11 -15.62
CA GLU B 261 12.37 0.05 -16.46
C GLU B 261 11.85 -0.37 -17.81
N ILE B 262 11.03 0.46 -18.43
CA ILE B 262 10.46 0.16 -19.73
C ILE B 262 10.63 1.41 -20.53
N ILE B 263 11.03 1.28 -21.80
CA ILE B 263 11.35 2.45 -22.62
C ILE B 263 10.68 2.20 -23.92
N GLY B 264 9.95 3.20 -24.36
CA GLY B 264 9.18 3.09 -25.62
C GLY B 264 9.66 4.08 -26.65
N THR B 265 8.98 4.15 -27.77
CA THR B 265 9.35 5.18 -28.71
C THR B 265 9.04 6.54 -28.20
N LYS B 266 8.12 6.67 -27.25
CA LYS B 266 7.78 8.04 -26.71
C LYS B 266 8.00 8.22 -25.23
N GLY B 267 7.89 7.16 -24.44
CA GLY B 267 8.04 7.28 -23.01
C GLY B 267 9.03 6.40 -22.30
N ARG B 268 9.09 6.61 -20.99
CA ARG B 268 9.82 5.74 -20.07
C ARG B 268 8.98 5.55 -18.86
N VAL B 269 9.10 4.39 -18.21
CA VAL B 269 8.58 4.16 -16.92
C VAL B 269 9.55 3.38 -16.08
N GLU B 270 9.67 3.78 -14.79
CA GLU B 270 10.62 3.19 -13.86
C GLU B 270 9.85 2.79 -12.58
N VAL B 271 10.18 1.62 -12.07
CA VAL B 271 9.50 1.03 -10.97
C VAL B 271 10.55 0.63 -9.97
N ASP B 272 10.37 1.03 -8.70
CA ASP B 272 11.32 0.70 -7.70
C ASP B 272 10.59 0.19 -6.40
N LEU B 273 10.81 -1.04 -6.01
CA LEU B 273 10.00 -1.60 -4.97
C LEU B 273 10.55 -1.26 -3.58
N TRP B 274 11.81 -1.55 -3.32
CA TRP B 274 12.37 -1.45 -1.97
C TRP B 274 12.99 -0.12 -1.61
N THR B 275 13.33 0.74 -2.58
CA THR B 275 13.82 2.08 -2.24
C THR B 275 12.90 3.05 -2.81
N GLY B 276 11.66 2.62 -3.04
CA GLY B 276 10.59 3.54 -3.47
C GLY B 276 9.37 3.40 -2.55
N MET B 277 9.64 3.29 -1.24
CA MET B 277 8.60 3.35 -0.25
C MET B 277 8.33 4.75 0.32
N GLY B 278 9.17 5.74 0.01
CA GLY B 278 9.04 7.10 0.59
C GLY B 278 9.36 7.18 2.09
N LEU B 279 10.21 6.29 2.58
CA LEU B 279 10.74 6.38 3.92
C LEU B 279 12.26 6.27 3.92
N ARG B 280 12.92 7.16 4.64
CA ARG B 280 14.32 6.98 4.92
C ARG B 280 14.53 7.17 6.41
N ALA B 281 15.56 6.51 6.93
CA ALA B 281 15.90 6.65 8.31
C ALA B 281 17.39 6.43 8.53
N TYR B 282 17.93 7.16 9.49
CA TYR B 282 19.30 7.06 9.84
C TYR B 282 19.41 6.74 11.32
N SER B 283 20.35 5.85 11.63
CA SER B 283 20.80 5.63 13.00
C SER B 283 22.20 5.00 12.93
N ASP B 284 22.94 5.09 14.02
CA ASP B 284 24.21 4.36 14.14
C ASP B 284 23.91 2.90 14.50
N LYS B 285 23.16 2.72 15.58
CA LYS B 285 22.75 1.39 16.07
C LYS B 285 22.10 0.43 15.05
N GLY B 286 20.99 0.87 14.43
CA GLY B 286 20.05 -0.04 13.78
C GLY B 286 18.69 0.05 14.48
N TYR B 287 17.63 0.18 13.68
CA TYR B 287 16.24 0.26 14.15
C TYR B 287 15.65 -1.12 14.36
N GLN B 288 14.83 -1.30 15.37
CA GLN B 288 14.31 -2.63 15.71
C GLN B 288 13.80 -3.55 14.58
N ASP B 289 12.86 -3.08 13.78
CA ASP B 289 12.29 -4.02 12.79
C ASP B 289 12.81 -3.74 11.35
N VAL B 290 14.12 -3.44 11.23
CA VAL B 290 14.68 -3.05 9.94
C VAL B 290 15.85 -3.94 9.54
N TRP B 291 15.41 -5.01 8.89
CA TRP B 291 16.13 -5.80 7.89
C TRP B 291 17.64 -5.66 7.79
N ASP B 292 18.10 -5.13 6.64
CA ASP B 292 19.48 -5.27 6.17
C ASP B 292 19.63 -4.40 4.90
N PRO B 293 20.54 -3.40 4.91
CA PRO B 293 21.50 -3.12 5.99
C PRO B 293 20.80 -2.78 7.31
N GLU B 294 21.56 -2.90 8.41
CA GLU B 294 21.01 -2.70 9.76
C GLU B 294 21.22 -1.24 10.13
N GLN B 295 22.46 -0.80 9.97
CA GLN B 295 22.93 0.48 10.43
C GLN B 295 23.16 1.48 9.34
N GLY B 296 23.10 2.75 9.72
CA GLY B 296 23.41 3.86 8.86
C GLY B 296 22.19 4.22 8.08
N TRP B 297 22.33 4.66 6.82
CA TRP B 297 21.11 5.08 6.12
C TRP B 297 20.38 3.87 5.59
N VAL B 298 19.10 3.76 5.94
CA VAL B 298 18.31 2.62 5.48
C VAL B 298 16.98 3.14 4.91
N HIS B 299 16.29 2.24 4.23
CA HIS B 299 14.97 2.53 3.59
C HIS B 299 13.98 1.62 4.18
N PRO B 300 13.42 2.04 5.32
CA PRO B 300 12.47 1.10 5.85
C PRO B 300 11.24 0.93 5.00
N GLU B 301 10.73 -0.27 5.10
CA GLU B 301 9.62 -0.83 4.43
C GLU B 301 8.31 -0.49 5.15
N TRP B 302 7.23 -0.19 4.42
CA TRP B 302 5.88 -0.25 5.00
C TRP B 302 5.03 -1.13 4.09
N GLU B 303 4.22 -2.00 4.68
CA GLU B 303 3.33 -2.91 3.98
C GLU B 303 4.02 -3.70 2.86
N TRP B 304 5.18 -4.26 3.13
CA TRP B 304 5.97 -4.93 2.10
C TRP B 304 5.27 -6.07 1.42
N ILE B 305 4.47 -6.73 2.19
CA ILE B 305 3.75 -7.86 1.71
C ILE B 305 2.74 -7.46 0.66
N ARG B 306 1.99 -6.39 0.92
CA ARG B 306 1.00 -5.92 -0.04
C ARG B 306 1.71 -5.36 -1.30
N ALA B 307 2.69 -4.50 -1.02
CA ALA B 307 3.45 -3.84 -2.09
C ALA B 307 3.99 -4.92 -2.98
N SER B 308 4.40 -6.07 -2.42
CA SER B 308 4.99 -7.16 -3.28
C SER B 308 4.00 -8.04 -4.09
N GLY B 309 2.70 -7.81 -3.92
CA GLY B 309 1.68 -8.55 -4.69
C GLY B 309 1.13 -9.79 -4.02
N TYR B 310 1.59 -10.16 -2.84
CA TYR B 310 1.11 -11.38 -2.22
C TYR B 310 -0.37 -11.34 -1.82
N TYR B 311 -0.86 -10.20 -1.34
CA TYR B 311 -2.26 -10.11 -0.95
C TYR B 311 -3.12 -10.22 -2.20
N HIS B 312 -2.75 -9.53 -3.27
CA HIS B 312 -3.59 -9.62 -4.47
C HIS B 312 -3.52 -10.97 -5.14
N GLN B 313 -2.32 -11.55 -5.16
CA GLN B 313 -2.10 -12.92 -5.74
C GLN B 313 -3.00 -13.91 -5.01
N ASP B 314 -2.77 -14.04 -3.72
CA ASP B 314 -3.49 -15.06 -2.94
C ASP B 314 -4.97 -14.81 -3.04
N GLY B 315 -5.37 -13.54 -3.00
CA GLY B 315 -6.76 -13.14 -3.22
C GLY B 315 -7.29 -13.72 -4.52
N THR B 316 -6.55 -13.55 -5.61
CA THR B 316 -6.98 -14.11 -6.89
C THR B 316 -7.21 -15.62 -6.84
N VAL B 317 -6.32 -16.30 -6.13
CA VAL B 317 -6.37 -17.74 -6.02
C VAL B 317 -7.53 -18.12 -5.12
N ILE B 318 -7.75 -17.37 -4.04
CA ILE B 318 -8.86 -17.66 -3.15
C ILE B 318 -10.15 -17.49 -3.95
N GLU B 319 -10.24 -16.46 -4.74
CA GLU B 319 -11.43 -16.22 -5.57
C GLU B 319 -11.58 -17.27 -6.65
N ALA B 320 -10.47 -17.77 -7.18
CA ALA B 320 -10.62 -18.77 -8.24
C ALA B 320 -11.21 -20.06 -7.69
N VAL B 321 -10.76 -20.42 -6.50
CA VAL B 321 -11.20 -21.62 -5.85
C VAL B 321 -12.61 -21.45 -5.33
N GLY B 322 -12.80 -20.41 -4.51
CA GLY B 322 -14.06 -20.07 -3.87
C GLY B 322 -15.21 -19.85 -4.82
N GLN B 323 -15.05 -19.04 -5.85
CA GLN B 323 -16.22 -18.81 -6.70
C GLN B 323 -15.99 -18.93 -8.17
N GLY B 324 -15.10 -19.85 -8.56
CA GLY B 324 -14.78 -20.13 -9.97
C GLY B 324 -14.46 -18.97 -10.92
N ILE B 325 -13.92 -17.87 -10.38
CA ILE B 325 -13.36 -16.81 -11.20
C ILE B 325 -12.04 -17.32 -11.81
N PRO B 326 -11.86 -17.26 -13.15
CA PRO B 326 -10.58 -17.81 -13.69
C PRO B 326 -9.38 -16.98 -13.26
N LEU B 327 -8.21 -17.59 -13.12
CA LEU B 327 -7.02 -16.84 -12.81
C LEU B 327 -6.65 -15.88 -13.92
N THR B 328 -6.23 -14.69 -13.56
CA THR B 328 -5.74 -13.72 -14.57
C THR B 328 -4.36 -14.10 -15.10
N HIS B 329 -3.56 -14.70 -14.23
CA HIS B 329 -2.20 -15.09 -14.52
C HIS B 329 -2.07 -16.59 -14.21
N GLY B 330 -2.24 -17.43 -15.24
CA GLY B 330 -2.28 -18.87 -15.09
C GLY B 330 -0.93 -19.58 -15.09
N PRO B 331 -0.94 -20.87 -14.73
CA PRO B 331 0.29 -21.63 -14.72
C PRO B 331 0.94 -21.80 -16.12
N ALA B 332 0.21 -21.69 -17.22
CA ALA B 332 0.85 -21.67 -18.56
C ALA B 332 1.97 -20.57 -18.57
N GLU B 333 1.81 -19.49 -17.85
CA GLU B 333 2.85 -18.49 -17.82
C GLU B 333 4.09 -19.02 -17.12
N ALA B 334 3.92 -19.95 -16.20
CA ALA B 334 5.10 -20.58 -15.56
C ALA B 334 5.76 -21.53 -16.57
N LEU B 335 5.01 -22.07 -17.50
CA LEU B 335 5.61 -22.92 -18.51
C LEU B 335 6.47 -22.06 -19.44
N ALA B 336 5.95 -20.88 -19.78
CA ALA B 336 6.64 -20.01 -20.75
C ALA B 336 7.95 -19.55 -20.12
N SER B 337 7.91 -19.29 -18.82
CA SER B 337 9.10 -18.78 -18.19
C SER B 337 10.07 -19.87 -17.93
N ALA B 338 9.56 -21.07 -17.62
CA ALA B 338 10.43 -22.23 -17.42
C ALA B 338 11.21 -22.53 -18.73
N ARG B 339 10.53 -22.46 -19.88
CA ARG B 339 11.17 -22.67 -21.18
C ARG B 339 12.26 -21.64 -21.40
N VAL B 340 11.98 -20.40 -21.03
CA VAL B 340 12.96 -19.37 -21.18
C VAL B 340 14.23 -19.60 -20.39
N LEU B 341 14.06 -20.01 -19.14
CA LEU B 341 15.20 -20.23 -18.25
C LEU B 341 16.01 -21.43 -18.72
N ALA B 342 15.35 -22.57 -18.93
CA ALA B 342 15.99 -23.72 -19.53
C ALA B 342 16.78 -23.31 -20.82
N THR B 343 16.22 -22.50 -21.70
CA THR B 343 16.97 -22.11 -22.86
C THR B 343 18.13 -21.14 -22.48
N GLY B 344 17.95 -20.36 -21.45
CA GLY B 344 19.02 -19.51 -20.99
C GLY B 344 20.20 -20.36 -20.51
N TYR B 345 19.90 -21.45 -19.79
CA TYR B 345 20.97 -22.31 -19.26
C TYR B 345 21.80 -22.93 -20.43
N ARG B 346 21.07 -23.35 -21.47
CA ARG B 346 21.65 -23.89 -22.66
C ARG B 346 22.43 -22.80 -23.43
N SER B 347 21.89 -21.59 -23.49
CA SER B 347 22.59 -20.52 -24.14
C SER B 347 23.94 -20.26 -23.49
N HIS B 348 23.96 -20.27 -22.16
CA HIS B 348 25.20 -20.07 -21.43
C HIS B 348 26.18 -21.20 -21.78
N ALA B 349 25.73 -22.45 -21.72
CA ALA B 349 26.58 -23.60 -22.05
C ALA B 349 27.20 -23.50 -23.46
N GLU B 350 26.36 -23.16 -24.44
CA GLU B 350 26.76 -23.20 -25.82
C GLU B 350 27.33 -21.87 -26.19
N GLY B 351 27.26 -20.88 -25.32
CA GLY B 351 27.75 -19.53 -25.70
C GLY B 351 27.14 -18.92 -26.98
N ARG B 352 25.83 -19.14 -27.17
CA ARG B 352 25.14 -18.57 -28.30
C ARG B 352 23.69 -18.28 -28.02
N VAL B 353 23.13 -17.43 -28.89
CA VAL B 353 21.75 -17.06 -28.85
C VAL B 353 20.84 -18.17 -29.43
N LEU B 354 19.87 -18.63 -28.66
CA LEU B 354 19.03 -19.77 -29.04
C LEU B 354 17.54 -19.42 -29.18
N ARG B 355 16.86 -20.12 -30.08
CA ARG B 355 15.41 -20.13 -30.11
C ARG B 355 14.91 -20.96 -28.93
N LEU B 356 13.65 -20.79 -28.50
CA LEU B 356 13.08 -21.67 -27.42
C LEU B 356 13.19 -23.17 -27.74
N SER B 357 13.10 -23.51 -29.03
CA SER B 357 13.28 -24.89 -29.47
C SER B 357 14.66 -25.43 -29.11
N GLY B 358 15.63 -24.55 -28.88
CA GLY B 358 16.99 -24.99 -28.56
C GLY B 358 17.91 -24.77 -29.73
N ALA B 359 17.34 -24.50 -30.90
CA ALA B 359 18.13 -24.30 -32.12
C ALA B 359 18.86 -22.99 -31.97
N PRO B 360 20.08 -22.89 -32.51
CA PRO B 360 20.70 -21.58 -32.62
C PRO B 360 19.99 -20.68 -33.59
N VAL B 361 19.96 -19.40 -33.28
CA VAL B 361 19.80 -18.40 -34.29
C VAL B 361 21.18 -18.43 -34.98
#